data_1W22
#
_entry.id   1W22
#
_cell.length_a   51.746
_cell.length_b   83.532
_cell.length_c   94.653
_cell.angle_alpha   90.00
_cell.angle_beta   97.48
_cell.angle_gamma   90.00
#
_symmetry.space_group_name_H-M   'P 1 21 1'
#
loop_
_entity.id
_entity.type
_entity.pdbx_description
1 polymer 'HISTONE DEACETYLASE 8'
2 non-polymer 'ZINC ION'
3 non-polymer 'POTASSIUM ION'
4 non-polymer N-HYDROXY-4-(METHYL{[5-(2-PYRIDINYL)-2-THIENYL]SULFONYL}AMINO)BENZAMIDE
5 water water
#
_entity_poly.entity_id   1
_entity_poly.type   'polypeptide(L)'
_entity_poly.pdbx_seq_one_letter_code
;MEEPEEPADSGQSLVPVYIYSPEYVSMCDSLAKIPKRASMVHSLIEAYALHKQMRIVKPKVASMEEMATFHTDAYLQHLQ
KVSQEGDDDHPDSIEYGLGYDCPATEGIFDYAAAIGGATITAAQCLIDGMCKVAINWSGGWHHAKKDEASGFCYLNDAVL
GILRLRRKFERILYVDLDLHHGDGVEDAFSFTSKVMTVSLHKFSPGFFPGTGDVSDVGLGKGRYYSVNVPIQDGIQDEKY
YQICESVLKEVYQAFNPKAVVLQLGADTIAGDPMCSFNMTPVGIGKCLKYILQWQLATLILGGGGYNLANTARCWTYLTG
VILGKTLSSEIPDHEFFTAYGPDYVLEITPSCRPDRNEPHRIQQILNYIKGNLKHVV
;
_entity_poly.pdbx_strand_id   A,B
#
# COMPACT_ATOMS: atom_id res chain seq x y z
CA SER A 13 24.66 32.30 -5.48
C SER A 13 23.13 32.26 -5.32
N LEU A 14 22.44 32.01 -6.42
CA LEU A 14 20.99 31.93 -6.40
C LEU A 14 20.63 30.52 -6.85
N VAL A 15 21.65 29.69 -7.07
CA VAL A 15 21.40 28.32 -7.47
C VAL A 15 20.83 27.60 -6.27
N PRO A 16 19.78 26.81 -6.48
CA PRO A 16 19.22 26.11 -5.32
C PRO A 16 20.23 25.15 -4.70
N VAL A 17 20.05 24.85 -3.43
CA VAL A 17 20.93 23.93 -2.73
C VAL A 17 20.34 22.53 -2.85
N TYR A 18 21.21 21.57 -3.13
CA TYR A 18 20.79 20.19 -3.28
C TYR A 18 21.47 19.36 -2.21
N ILE A 19 20.71 18.96 -1.20
CA ILE A 19 21.27 18.16 -0.12
C ILE A 19 21.62 16.75 -0.62
N TYR A 20 22.93 16.45 -0.67
CA TYR A 20 23.38 15.14 -1.14
C TYR A 20 24.79 14.74 -0.76
N SER A 21 24.94 13.43 -0.59
CA SER A 21 26.22 12.81 -0.27
C SER A 21 25.92 11.32 -0.43
N PRO A 22 26.83 10.58 -1.06
CA PRO A 22 26.57 9.15 -1.22
C PRO A 22 26.17 8.43 0.09
N GLU A 23 26.79 8.80 1.21
CA GLU A 23 26.48 8.17 2.50
C GLU A 23 25.01 8.37 2.85
N TYR A 24 24.53 9.58 2.63
CA TYR A 24 23.13 9.94 2.90
C TYR A 24 22.19 9.13 2.00
N VAL A 25 22.43 9.17 0.70
CA VAL A 25 21.59 8.42 -0.22
C VAL A 25 21.47 6.94 0.15
N SER A 26 22.60 6.31 0.44
CA SER A 26 22.61 4.89 0.80
C SER A 26 21.90 4.65 2.12
N MET A 27 22.04 5.59 3.05
CA MET A 27 21.35 5.47 4.33
C MET A 27 19.84 5.55 4.06
N CYS A 28 19.45 6.42 3.15
CA CYS A 28 18.04 6.57 2.81
C CYS A 28 17.51 5.35 2.07
N ASP A 29 18.39 4.70 1.30
CA ASP A 29 17.99 3.53 0.54
C ASP A 29 17.59 2.36 1.44
N SER A 30 18.15 2.32 2.66
CA SER A 30 17.85 1.24 3.58
C SER A 30 16.44 1.23 4.17
N LEU A 31 15.57 2.18 3.76
CA LEU A 31 14.21 2.20 4.28
C LEU A 31 13.46 0.98 3.74
N ALA A 32 13.06 0.10 4.65
CA ALA A 32 12.39 -1.15 4.34
C ALA A 32 11.20 -1.09 3.39
N LYS A 33 10.27 -0.17 3.63
CA LYS A 33 9.09 -0.08 2.79
C LYS A 33 9.24 0.70 1.50
N ILE A 34 10.45 1.17 1.21
CA ILE A 34 10.69 1.98 0.01
C ILE A 34 12.16 1.89 -0.42
N PRO A 35 12.68 0.65 -0.53
CA PRO A 35 14.06 0.38 -0.92
C PRO A 35 14.54 1.01 -2.23
N LYS A 36 15.75 1.59 -2.18
CA LYS A 36 16.39 2.22 -3.33
C LYS A 36 15.79 3.48 -3.94
N ARG A 37 14.64 3.95 -3.45
CA ARG A 37 14.05 5.13 -4.06
C ARG A 37 15.00 6.34 -4.03
N ALA A 38 15.76 6.50 -2.97
CA ALA A 38 16.68 7.63 -2.90
C ALA A 38 17.67 7.61 -4.09
N SER A 39 18.37 6.50 -4.28
CA SER A 39 19.31 6.37 -5.39
C SER A 39 18.63 6.61 -6.73
N MET A 40 17.50 5.96 -6.92
CA MET A 40 16.77 6.12 -8.17
C MET A 40 16.51 7.59 -8.42
N VAL A 41 15.98 8.27 -7.40
CA VAL A 41 15.68 9.69 -7.50
C VAL A 41 16.92 10.49 -7.86
N HIS A 42 17.99 10.31 -7.10
CA HIS A 42 19.24 11.02 -7.35
C HIS A 42 19.86 10.65 -8.68
N SER A 43 19.85 9.37 -8.99
CA SER A 43 20.40 8.88 -10.25
C SER A 43 19.75 9.52 -11.46
N LEU A 44 18.43 9.62 -11.45
CA LEU A 44 17.73 10.21 -12.59
C LEU A 44 18.04 11.69 -12.65
N ILE A 45 18.15 12.33 -11.49
CA ILE A 45 18.47 13.75 -11.44
C ILE A 45 19.85 13.94 -12.04
N GLU A 46 20.77 13.08 -11.65
CA GLU A 46 22.13 13.12 -12.13
C GLU A 46 22.18 12.80 -13.62
N ALA A 47 21.31 11.90 -14.05
CA ALA A 47 21.28 11.49 -15.45
C ALA A 47 20.95 12.65 -16.37
N TYR A 48 20.09 13.56 -15.92
CA TYR A 48 19.74 14.73 -16.71
C TYR A 48 20.77 15.79 -16.38
N ALA A 49 21.79 15.38 -15.63
CA ALA A 49 22.87 16.27 -15.21
C ALA A 49 22.30 17.51 -14.56
N LEU A 50 21.13 17.37 -13.94
CA LEU A 50 20.46 18.49 -13.28
C LEU A 50 21.33 19.05 -12.15
N HIS A 51 22.02 18.17 -11.45
CA HIS A 51 22.92 18.60 -10.38
C HIS A 51 23.96 19.44 -11.09
N LYS A 52 25.10 19.67 -10.46
CA LYS A 52 26.16 20.44 -11.12
C LYS A 52 25.56 21.74 -11.67
N GLN A 53 24.37 22.08 -11.19
CA GLN A 53 23.70 23.30 -11.60
C GLN A 53 23.07 23.85 -10.34
N MET A 54 23.25 23.07 -9.27
CA MET A 54 22.76 23.41 -7.95
C MET A 54 23.97 23.35 -7.06
N ARG A 55 23.86 23.93 -5.86
CA ARG A 55 24.97 23.92 -4.93
C ARG A 55 24.81 22.65 -4.10
N ILE A 56 25.69 21.68 -4.31
CA ILE A 56 25.61 20.44 -3.57
C ILE A 56 26.12 20.63 -2.16
N VAL A 57 25.31 20.26 -1.17
CA VAL A 57 25.68 20.39 0.24
C VAL A 57 25.48 19.06 0.96
N LYS A 58 26.51 18.61 1.67
CA LYS A 58 26.45 17.37 2.43
C LYS A 58 25.52 17.53 3.63
N PRO A 59 24.73 16.49 3.95
CA PRO A 59 23.80 16.51 5.08
C PRO A 59 24.54 16.33 6.40
N LYS A 60 24.05 16.98 7.45
CA LYS A 60 24.65 16.87 8.77
C LYS A 60 23.69 16.01 9.60
N VAL A 61 24.23 15.06 10.34
CA VAL A 61 23.39 14.19 11.17
C VAL A 61 22.81 14.96 12.35
N ALA A 62 21.50 14.81 12.55
CA ALA A 62 20.84 15.52 13.65
C ALA A 62 21.28 14.94 14.99
N SER A 63 21.52 15.83 15.95
CA SER A 63 21.94 15.40 17.28
C SER A 63 20.70 15.12 18.13
N MET A 64 20.89 14.48 19.27
CA MET A 64 19.77 14.19 20.15
C MET A 64 19.04 15.47 20.53
N GLU A 65 19.80 16.48 20.92
CA GLU A 65 19.28 17.79 21.33
C GLU A 65 18.46 18.40 20.19
N GLU A 66 18.96 18.34 18.97
CA GLU A 66 18.22 18.92 17.87
C GLU A 66 16.89 18.20 17.60
N MET A 67 16.94 16.88 17.50
CA MET A 67 15.73 16.14 17.23
C MET A 67 14.71 16.30 18.34
N ALA A 68 15.20 16.54 19.56
CA ALA A 68 14.32 16.69 20.71
C ALA A 68 13.66 18.07 20.80
N THR A 69 13.91 18.93 19.82
CA THR A 69 13.28 20.25 19.81
C THR A 69 11.80 20.00 19.56
N PHE A 70 11.48 18.76 19.20
CA PHE A 70 10.11 18.37 18.95
C PHE A 70 9.77 17.04 19.61
N HIS A 71 10.57 16.01 19.31
CA HIS A 71 10.35 14.69 19.88
C HIS A 71 10.84 14.62 21.30
N THR A 72 10.19 13.79 22.11
CA THR A 72 10.56 13.62 23.51
C THR A 72 11.77 12.72 23.68
N ASP A 73 12.53 12.95 24.73
CA ASP A 73 13.71 12.15 25.00
C ASP A 73 13.30 10.70 25.16
N ALA A 74 12.11 10.49 25.71
CA ALA A 74 11.61 9.13 25.90
C ALA A 74 11.56 8.44 24.53
N TYR A 75 10.95 9.09 23.56
CA TYR A 75 10.83 8.52 22.23
C TYR A 75 12.16 8.39 21.53
N LEU A 76 13.00 9.43 21.61
CA LEU A 76 14.32 9.40 20.96
C LEU A 76 15.20 8.26 21.48
N GLN A 77 15.33 8.17 22.81
CA GLN A 77 16.14 7.12 23.41
C GLN A 77 15.65 5.74 22.98
N HIS A 78 14.35 5.50 23.15
CA HIS A 78 13.77 4.22 22.76
C HIS A 78 14.12 3.87 21.32
N LEU A 79 13.86 4.81 20.41
CA LEU A 79 14.16 4.59 19.02
C LEU A 79 15.63 4.19 18.85
N GLN A 80 16.51 4.90 19.55
CA GLN A 80 17.93 4.60 19.46
C GLN A 80 18.25 3.21 19.98
N LYS A 81 17.41 2.72 20.90
CA LYS A 81 17.62 1.41 21.48
C LYS A 81 17.29 0.27 20.51
N VAL A 82 16.10 0.30 19.92
CA VAL A 82 15.70 -0.74 18.97
C VAL A 82 16.53 -0.71 17.69
N SER A 83 17.16 0.42 17.41
CA SER A 83 17.99 0.53 16.22
C SER A 83 19.23 -0.36 16.43
N GLN A 84 19.31 -0.94 17.62
CA GLN A 84 20.42 -1.82 18.00
C GLN A 84 19.97 -3.28 18.05
N GLU A 95 3.05 2.27 23.54
CA GLU A 95 3.72 2.08 22.26
C GLU A 95 4.19 3.39 21.65
N TYR A 96 5.24 3.30 20.84
CA TYR A 96 5.79 4.47 20.18
C TYR A 96 5.48 4.43 18.70
N GLY A 97 4.47 3.66 18.33
CA GLY A 97 4.09 3.56 16.95
C GLY A 97 4.97 2.66 16.10
N LEU A 98 5.83 1.87 16.75
CA LEU A 98 6.70 0.97 16.00
C LEU A 98 6.02 -0.37 15.73
N GLY A 99 6.40 -1.04 14.65
CA GLY A 99 5.81 -2.32 14.32
C GLY A 99 5.67 -2.63 12.84
N TYR A 100 4.43 -2.87 12.43
CA TYR A 100 4.08 -3.21 11.05
C TYR A 100 4.38 -2.08 10.09
N ASP A 101 3.59 -1.02 10.20
CA ASP A 101 3.71 0.16 9.37
C ASP A 101 5.07 0.81 9.56
N CYS A 102 5.51 0.86 10.81
CA CYS A 102 6.80 1.45 11.13
C CYS A 102 7.70 0.45 11.86
N PRO A 103 8.17 -0.59 11.16
CA PRO A 103 9.05 -1.59 11.77
C PRO A 103 10.42 -1.06 12.11
N ALA A 104 10.75 -1.07 13.39
CA ALA A 104 12.05 -0.59 13.84
C ALA A 104 13.16 -1.52 13.38
N THR A 105 13.53 -1.40 12.11
CA THR A 105 14.60 -2.22 11.54
C THR A 105 15.94 -1.76 12.10
N GLU A 106 16.94 -2.62 11.97
CA GLU A 106 18.28 -2.29 12.44
C GLU A 106 18.73 -0.98 11.78
N GLY A 107 19.41 -0.13 12.55
CA GLY A 107 19.91 1.14 12.04
C GLY A 107 18.85 2.16 11.67
N ILE A 108 17.63 1.97 12.13
CA ILE A 108 16.55 2.92 11.81
C ILE A 108 16.80 4.29 12.46
N PHE A 109 17.34 4.29 13.68
CA PHE A 109 17.60 5.55 14.36
C PHE A 109 18.56 6.40 13.54
N ASP A 110 19.56 5.74 12.96
CA ASP A 110 20.55 6.44 12.14
C ASP A 110 19.85 7.00 10.90
N TYR A 111 18.94 6.20 10.36
CA TYR A 111 18.16 6.59 9.19
C TYR A 111 17.41 7.87 9.51
N ALA A 112 16.69 7.86 10.62
CA ALA A 112 15.89 9.00 11.05
C ALA A 112 16.75 10.25 11.28
N ALA A 113 17.83 10.09 12.03
CA ALA A 113 18.72 11.19 12.33
C ALA A 113 19.35 11.83 11.08
N ALA A 114 19.61 11.02 10.06
CA ALA A 114 20.18 11.55 8.81
C ALA A 114 19.14 12.40 8.06
N ILE A 115 17.91 11.93 8.03
CA ILE A 115 16.83 12.67 7.35
C ILE A 115 16.64 13.97 8.13
N GLY A 116 16.32 13.84 9.41
CA GLY A 116 16.13 15.02 10.23
C GLY A 116 17.32 15.97 10.09
N GLY A 117 18.53 15.44 10.23
CA GLY A 117 19.70 16.28 10.08
C GLY A 117 19.68 17.00 8.74
N ALA A 118 19.39 16.24 7.69
CA ALA A 118 19.35 16.75 6.32
C ALA A 118 18.39 17.92 6.07
N THR A 119 17.23 17.89 6.72
CA THR A 119 16.25 18.94 6.54
C THR A 119 16.67 20.14 7.36
N ILE A 120 17.26 19.88 8.53
CA ILE A 120 17.74 20.96 9.40
C ILE A 120 18.90 21.68 8.71
N THR A 121 19.70 20.98 7.92
CA THR A 121 20.80 21.66 7.25
C THR A 121 20.27 22.42 6.04
N ALA A 122 19.16 21.96 5.46
CA ALA A 122 18.56 22.69 4.33
C ALA A 122 18.02 23.99 4.94
N ALA A 123 17.46 23.86 6.14
CA ALA A 123 16.93 25.01 6.85
C ALA A 123 18.05 26.03 7.05
N GLN A 124 19.18 25.60 7.62
CA GLN A 124 20.29 26.52 7.85
C GLN A 124 20.76 27.15 6.56
N CYS A 125 20.76 26.38 5.48
CA CYS A 125 21.17 26.91 4.18
C CYS A 125 20.32 28.11 3.81
N LEU A 126 19.05 28.05 4.17
CA LEU A 126 18.13 29.14 3.88
C LEU A 126 18.28 30.30 4.84
N ILE A 127 18.46 30.01 6.12
CA ILE A 127 18.63 31.08 7.09
C ILE A 127 19.80 31.93 6.62
N ASP A 128 20.84 31.26 6.16
CA ASP A 128 22.00 31.98 5.71
C ASP A 128 21.61 32.38 4.33
N GLY A 129 22.46 33.05 3.59
CA GLY A 129 22.02 33.44 2.27
C GLY A 129 22.41 32.55 1.10
N MET A 130 22.71 33.17 -0.04
CA MET A 130 23.12 32.46 -1.26
C MET A 130 22.33 31.17 -1.45
N CYS A 131 21.00 31.29 -1.39
CA CYS A 131 20.13 30.15 -1.55
C CYS A 131 18.69 30.55 -1.30
N LYS A 132 17.87 30.49 -2.35
CA LYS A 132 16.45 30.83 -2.22
C LYS A 132 15.60 29.57 -2.17
N VAL A 133 16.23 28.44 -2.48
CA VAL A 133 15.56 27.15 -2.48
C VAL A 133 16.53 26.07 -2.02
N ALA A 134 16.11 25.23 -1.07
CA ALA A 134 16.97 24.13 -0.59
C ALA A 134 16.20 22.83 -0.71
N ILE A 135 16.77 21.88 -1.44
CA ILE A 135 16.13 20.60 -1.70
C ILE A 135 16.62 19.36 -0.97
N ASN A 136 15.68 18.61 -0.39
CA ASN A 136 15.96 17.35 0.30
C ASN A 136 14.82 16.40 -0.08
N TRP A 137 14.92 15.81 -1.28
CA TRP A 137 13.90 14.91 -1.78
C TRP A 137 13.64 13.72 -0.87
N SER A 138 14.63 13.36 -0.05
CA SER A 138 14.48 12.24 0.86
C SER A 138 13.74 12.55 2.15
N GLY A 139 13.41 13.82 2.36
CA GLY A 139 12.71 14.21 3.57
C GLY A 139 11.21 14.32 3.34
N GLY A 140 10.50 14.85 4.32
CA GLY A 140 9.06 15.03 4.19
C GLY A 140 8.12 14.06 4.90
N TRP A 141 8.52 13.51 6.05
CA TRP A 141 7.65 12.57 6.75
C TRP A 141 6.80 13.30 7.77
N HIS A 142 5.69 13.82 7.27
CA HIS A 142 4.76 14.65 8.00
C HIS A 142 3.89 14.03 9.07
N HIS A 143 3.83 12.70 9.12
CA HIS A 143 2.97 11.98 10.08
C HIS A 143 3.52 11.78 11.47
N ALA A 144 4.85 11.73 11.61
CA ALA A 144 5.49 11.51 12.91
C ALA A 144 5.04 12.47 14.00
N LYS A 145 4.68 11.89 15.14
CA LYS A 145 4.25 12.65 16.29
C LYS A 145 5.48 12.90 17.14
N LYS A 146 5.37 13.81 18.11
CA LYS A 146 6.48 14.16 18.99
C LYS A 146 6.99 12.99 19.80
N ASP A 147 6.15 11.98 19.98
CA ASP A 147 6.51 10.82 20.77
C ASP A 147 5.96 9.56 20.15
N GLU A 148 5.91 9.50 18.82
CA GLU A 148 5.35 8.31 18.17
C GLU A 148 5.55 8.26 16.65
N ALA A 149 5.99 7.10 16.16
CA ALA A 149 6.18 6.91 14.73
C ALA A 149 4.79 6.68 14.13
N SER A 150 4.59 7.06 12.86
CA SER A 150 3.31 6.89 12.19
C SER A 150 3.43 6.95 10.67
N GLY A 151 2.63 6.14 9.97
CA GLY A 151 2.65 6.13 8.53
C GLY A 151 4.02 6.13 7.87
N PHE A 152 4.87 5.18 8.26
CA PHE A 152 6.22 5.06 7.71
C PHE A 152 7.14 6.19 8.18
N CYS A 153 6.61 7.10 8.99
CA CYS A 153 7.39 8.25 9.49
C CYS A 153 7.92 8.01 10.90
N TYR A 154 9.24 8.04 11.04
CA TYR A 154 9.88 7.82 12.33
C TYR A 154 10.28 9.10 13.02
N LEU A 155 10.67 10.09 12.23
CA LEU A 155 11.09 11.37 12.78
C LEU A 155 10.33 12.40 11.97
N ASN A 156 9.92 13.52 12.55
CA ASN A 156 9.20 14.51 11.73
C ASN A 156 10.18 15.60 11.33
N ASP A 157 10.86 15.37 10.21
CA ASP A 157 11.85 16.30 9.71
C ASP A 157 11.26 17.62 9.27
N ALA A 158 10.06 17.57 8.68
CA ALA A 158 9.41 18.80 8.24
C ALA A 158 9.30 19.76 9.43
N VAL A 159 8.84 19.23 10.55
CA VAL A 159 8.69 20.01 11.76
C VAL A 159 10.05 20.55 12.20
N LEU A 160 11.07 19.69 12.22
CA LEU A 160 12.41 20.11 12.61
C LEU A 160 12.93 21.23 11.69
N GLY A 161 12.58 21.17 10.41
CA GLY A 161 13.02 22.21 9.50
C GLY A 161 12.31 23.51 9.84
N ILE A 162 11.00 23.41 10.08
CA ILE A 162 10.20 24.57 10.43
C ILE A 162 10.75 25.20 11.72
N LEU A 163 11.00 24.38 12.73
CA LEU A 163 11.54 24.87 13.98
C LEU A 163 12.92 25.51 13.80
N ARG A 164 13.66 25.08 12.80
CA ARG A 164 14.97 25.65 12.56
C ARG A 164 14.79 27.01 11.89
N LEU A 165 13.96 27.03 10.85
CA LEU A 165 13.65 28.24 10.11
C LEU A 165 13.17 29.38 11.02
N ARG A 166 12.46 29.04 12.09
CA ARG A 166 11.95 30.05 12.98
C ARG A 166 13.01 30.81 13.78
N ARG A 167 14.28 30.45 13.58
CA ARG A 167 15.37 31.16 14.27
C ARG A 167 15.43 32.56 13.66
N LYS A 168 15.05 32.66 12.38
CA LYS A 168 15.09 33.91 11.65
C LYS A 168 13.74 34.41 11.08
N PHE A 169 12.77 33.51 10.91
CA PHE A 169 11.48 33.89 10.34
C PHE A 169 10.32 33.79 11.32
N GLU A 170 9.54 34.87 11.42
CA GLU A 170 8.41 34.92 12.34
C GLU A 170 7.11 34.32 11.82
N ARG A 171 7.03 34.14 10.49
CA ARG A 171 5.85 33.56 9.86
C ARG A 171 6.26 32.56 8.78
N ILE A 172 6.06 31.29 9.07
CA ILE A 172 6.43 30.23 8.14
C ILE A 172 5.19 29.59 7.53
N LEU A 173 5.22 29.38 6.21
CA LEU A 173 4.11 28.74 5.58
C LEU A 173 4.47 27.31 5.20
N TYR A 174 3.73 26.35 5.75
CA TYR A 174 3.93 24.95 5.41
C TYR A 174 2.83 24.55 4.43
N VAL A 175 3.24 24.08 3.26
CA VAL A 175 2.31 23.64 2.21
C VAL A 175 2.59 22.17 1.94
N ASP A 176 1.60 21.34 2.21
CA ASP A 176 1.74 19.90 2.07
C ASP A 176 0.94 19.40 0.88
N LEU A 177 1.62 18.87 -0.14
CA LEU A 177 0.90 18.38 -1.31
C LEU A 177 0.93 16.85 -1.45
N ASP A 178 1.30 16.18 -0.37
CA ASP A 178 1.33 14.71 -0.34
C ASP A 178 -0.12 14.26 -0.54
N LEU A 179 -0.35 12.98 -0.81
CA LEU A 179 -1.72 12.52 -0.97
C LEU A 179 -2.42 12.52 0.39
N HIS A 180 -1.66 12.20 1.44
CA HIS A 180 -2.19 12.11 2.80
C HIS A 180 -2.17 13.43 3.56
N HIS A 181 -3.02 13.54 4.58
CA HIS A 181 -3.09 14.75 5.37
C HIS A 181 -1.82 14.96 6.20
N GLY A 182 -1.30 16.18 6.23
CA GLY A 182 -0.10 16.47 7.00
C GLY A 182 -0.37 16.65 8.49
N ASP A 183 -1.03 15.67 9.11
CA ASP A 183 -1.38 15.74 10.53
C ASP A 183 -0.21 16.00 11.51
N GLY A 184 0.89 15.28 11.35
CA GLY A 184 2.03 15.46 12.24
C GLY A 184 2.50 16.91 12.32
N VAL A 185 2.72 17.55 11.17
CA VAL A 185 3.18 18.92 11.17
C VAL A 185 2.10 19.89 11.68
N GLU A 186 0.85 19.61 11.34
CA GLU A 186 -0.26 20.46 11.76
C GLU A 186 -0.41 20.44 13.28
N ASP A 187 -0.50 19.25 13.87
CA ASP A 187 -0.64 19.15 15.31
C ASP A 187 0.50 19.87 16.01
N ALA A 188 1.69 19.79 15.43
CA ALA A 188 2.86 20.44 16.03
C ALA A 188 2.67 21.94 16.25
N PHE A 189 1.89 22.58 15.39
CA PHE A 189 1.70 24.02 15.50
C PHE A 189 0.27 24.46 15.64
N SER A 190 -0.64 23.54 15.90
CA SER A 190 -2.05 23.91 16.00
C SER A 190 -2.37 25.07 16.96
N PHE A 191 -1.54 25.30 17.97
CA PHE A 191 -1.79 26.37 18.94
C PHE A 191 -1.01 27.68 18.73
N THR A 192 -0.18 27.72 17.69
CA THR A 192 0.62 28.92 17.39
C THR A 192 0.24 29.55 16.07
N SER A 193 0.44 30.86 15.95
CA SER A 193 0.13 31.57 14.71
C SER A 193 1.41 31.97 14.01
N LYS A 194 2.53 31.45 14.50
CA LYS A 194 3.83 31.73 13.91
C LYS A 194 3.94 30.93 12.63
N VAL A 195 3.44 29.70 12.67
CA VAL A 195 3.47 28.79 11.53
C VAL A 195 2.05 28.54 11.01
N MET A 196 1.85 28.53 9.70
CA MET A 196 0.53 28.21 9.17
C MET A 196 0.68 26.97 8.28
N THR A 197 -0.07 25.92 8.61
CA THR A 197 0.01 24.69 7.84
C THR A 197 -1.17 24.54 6.92
N VAL A 198 -0.89 24.36 5.64
CA VAL A 198 -1.93 24.17 4.63
C VAL A 198 -1.75 22.81 3.95
N SER A 199 -2.80 22.01 3.95
CA SER A 199 -2.71 20.67 3.40
C SER A 199 -3.84 20.24 2.41
N LEU A 200 -3.46 19.78 1.20
CA LEU A 200 -4.45 19.31 0.22
C LEU A 200 -4.34 17.78 0.26
N HIS A 201 -5.41 17.11 0.60
CA HIS A 201 -5.30 15.66 0.69
C HIS A 201 -6.62 14.97 0.49
N LYS A 202 -6.54 13.67 0.28
CA LYS A 202 -7.72 12.87 0.13
C LYS A 202 -8.32 12.75 1.52
N PHE A 203 -9.64 12.91 1.62
CA PHE A 203 -10.33 12.79 2.89
C PHE A 203 -11.53 11.89 2.66
N SER A 204 -11.40 10.65 3.10
CA SER A 204 -12.46 9.66 2.93
C SER A 204 -12.47 8.78 4.17
N PRO A 205 -13.65 8.33 4.62
CA PRO A 205 -13.79 7.49 5.82
C PRO A 205 -12.59 6.66 6.26
N GLY A 206 -12.37 5.50 5.65
CA GLY A 206 -11.23 4.71 6.10
C GLY A 206 -9.84 5.09 5.60
N PHE A 207 -9.70 6.27 4.99
CA PHE A 207 -8.40 6.69 4.44
C PHE A 207 -7.47 7.42 5.40
N PHE A 208 -6.29 6.84 5.57
CA PHE A 208 -5.26 7.37 6.44
C PHE A 208 -4.88 8.83 6.15
N PRO A 209 -4.67 9.63 7.21
CA PRO A 209 -4.79 9.20 8.61
C PRO A 209 -6.22 9.38 9.16
N GLY A 210 -7.16 9.64 8.25
CA GLY A 210 -8.55 9.81 8.65
C GLY A 210 -8.82 11.15 9.32
N THR A 211 -8.06 12.17 8.96
CA THR A 211 -8.25 13.47 9.56
C THR A 211 -7.97 14.60 8.59
N GLY A 212 -8.30 15.83 8.99
CA GLY A 212 -8.05 16.97 8.13
C GLY A 212 -9.19 17.46 7.27
N ASP A 213 -10.40 17.52 7.83
CA ASP A 213 -11.56 18.00 7.09
C ASP A 213 -11.39 19.52 6.97
N VAL A 214 -12.20 20.16 6.15
CA VAL A 214 -12.10 21.61 5.97
C VAL A 214 -12.46 22.35 7.26
N SER A 215 -13.19 21.68 8.14
CA SER A 215 -13.61 22.25 9.41
C SER A 215 -12.42 22.38 10.34
N ASP A 216 -11.35 21.65 10.05
CA ASP A 216 -10.15 21.69 10.88
C ASP A 216 -9.42 23.00 10.55
N VAL A 217 -9.32 23.87 11.55
CA VAL A 217 -8.71 25.18 11.37
C VAL A 217 -7.68 25.54 12.43
N GLY A 218 -7.41 24.62 13.34
CA GLY A 218 -6.45 24.90 14.39
C GLY A 218 -7.16 25.13 15.71
N LEU A 219 -6.37 25.30 16.77
CA LEU A 219 -6.93 25.50 18.11
C LEU A 219 -6.38 26.74 18.80
N GLY A 220 -7.14 27.25 19.77
CA GLY A 220 -6.75 28.43 20.52
C GLY A 220 -6.08 29.54 19.73
N LYS A 221 -4.87 29.90 20.14
CA LYS A 221 -4.14 30.96 19.46
C LYS A 221 -3.79 30.59 18.02
N GLY A 222 -3.99 29.33 17.66
CA GLY A 222 -3.70 28.89 16.30
C GLY A 222 -4.94 28.75 15.43
N ARG A 223 -6.10 29.05 16.00
CA ARG A 223 -7.36 28.96 15.27
C ARG A 223 -7.29 29.75 13.97
N TYR A 224 -7.65 29.11 12.87
CA TYR A 224 -7.64 29.68 11.52
C TYR A 224 -6.24 29.65 10.91
N TYR A 225 -5.29 29.07 11.63
CA TYR A 225 -3.93 28.98 11.12
C TYR A 225 -3.60 27.59 10.65
N SER A 226 -4.63 26.77 10.48
CA SER A 226 -4.52 25.41 9.99
C SER A 226 -5.60 25.28 8.93
N VAL A 227 -5.22 25.27 7.66
CA VAL A 227 -6.21 25.13 6.61
C VAL A 227 -6.08 23.77 5.92
N ASN A 228 -7.20 23.07 5.82
CA ASN A 228 -7.23 21.76 5.19
C ASN A 228 -8.16 21.69 3.99
N VAL A 229 -7.64 21.16 2.88
CA VAL A 229 -8.41 21.02 1.66
C VAL A 229 -8.69 19.56 1.38
N PRO A 230 -9.87 19.07 1.81
CA PRO A 230 -10.25 17.68 1.58
C PRO A 230 -10.58 17.45 0.10
N ILE A 231 -9.87 16.55 -0.55
CA ILE A 231 -10.11 16.27 -1.96
C ILE A 231 -10.52 14.82 -2.16
N GLN A 232 -11.18 14.53 -3.28
CA GLN A 232 -11.64 13.17 -3.57
C GLN A 232 -10.87 12.54 -4.73
N ASP A 233 -11.01 11.23 -4.89
CA ASP A 233 -10.34 10.47 -5.94
C ASP A 233 -10.54 11.01 -7.36
N GLY A 234 -9.57 10.73 -8.23
CA GLY A 234 -9.69 11.13 -9.61
C GLY A 234 -9.29 12.54 -10.00
N ILE A 235 -9.01 13.40 -9.02
CA ILE A 235 -8.60 14.76 -9.30
C ILE A 235 -7.45 14.75 -10.31
N GLN A 236 -7.51 15.66 -11.28
CA GLN A 236 -6.48 15.77 -12.33
C GLN A 236 -5.74 17.10 -12.25
N ASP A 237 -4.65 17.22 -13.01
CA ASP A 237 -3.81 18.42 -13.01
C ASP A 237 -4.54 19.76 -13.00
N GLU A 238 -5.34 20.03 -14.03
CA GLU A 238 -6.05 21.30 -14.09
C GLU A 238 -6.81 21.61 -12.82
N LYS A 239 -7.90 20.89 -12.60
CA LYS A 239 -8.72 21.11 -11.42
C LYS A 239 -7.94 21.21 -10.12
N TYR A 240 -6.93 20.36 -9.96
CA TYR A 240 -6.12 20.37 -8.75
C TYR A 240 -5.42 21.71 -8.59
N TYR A 241 -4.87 22.20 -9.68
CA TYR A 241 -4.14 23.44 -9.65
C TYR A 241 -5.03 24.63 -9.34
N GLN A 242 -6.24 24.63 -9.91
CA GLN A 242 -7.17 25.72 -9.67
C GLN A 242 -7.47 25.77 -8.19
N ILE A 243 -7.68 24.61 -7.58
CA ILE A 243 -7.96 24.56 -6.15
C ILE A 243 -6.76 25.09 -5.37
N CYS A 244 -5.58 24.58 -5.73
CA CYS A 244 -4.35 24.95 -5.07
C CYS A 244 -4.07 26.44 -5.13
N GLU A 245 -4.05 26.99 -6.34
CA GLU A 245 -3.78 28.41 -6.53
C GLU A 245 -4.81 29.26 -5.81
N SER A 246 -6.06 28.81 -5.88
CA SER A 246 -7.16 29.50 -5.24
C SER A 246 -6.87 29.68 -3.76
N VAL A 247 -6.61 28.57 -3.08
CA VAL A 247 -6.32 28.59 -1.65
C VAL A 247 -4.98 29.25 -1.29
N LEU A 248 -3.95 29.00 -2.09
CA LEU A 248 -2.64 29.61 -1.81
C LEU A 248 -2.71 31.11 -1.94
N LYS A 249 -3.30 31.59 -3.02
CA LYS A 249 -3.44 33.01 -3.26
C LYS A 249 -4.12 33.65 -2.06
N GLU A 250 -5.19 33.01 -1.59
CA GLU A 250 -5.94 33.48 -0.44
C GLU A 250 -5.06 33.51 0.81
N VAL A 251 -4.26 32.46 1.00
CA VAL A 251 -3.37 32.34 2.16
C VAL A 251 -2.17 33.28 2.12
N TYR A 252 -1.74 33.67 0.93
CA TYR A 252 -0.60 34.57 0.80
C TYR A 252 -1.06 35.97 1.20
N GLN A 253 -2.34 36.24 0.96
CA GLN A 253 -2.94 37.52 1.27
C GLN A 253 -2.99 37.78 2.77
N ALA A 254 -3.78 36.97 3.46
CA ALA A 254 -3.99 37.10 4.91
C ALA A 254 -2.75 36.88 5.79
N PHE A 255 -1.92 35.93 5.38
CA PHE A 255 -0.72 35.57 6.12
C PHE A 255 0.45 36.19 5.34
N ASN A 256 1.47 36.70 6.01
CA ASN A 256 2.57 37.24 5.23
C ASN A 256 3.80 36.38 5.44
N PRO A 257 3.80 35.20 4.81
CA PRO A 257 4.91 34.25 4.92
C PRO A 257 6.23 34.86 4.51
N LYS A 258 7.23 34.65 5.37
CA LYS A 258 8.59 35.12 5.15
C LYS A 258 9.37 33.96 4.55
N ALA A 259 9.07 32.75 5.03
CA ALA A 259 9.72 31.53 4.56
C ALA A 259 8.66 30.51 4.23
N VAL A 260 9.02 29.48 3.48
CA VAL A 260 8.06 28.44 3.11
C VAL A 260 8.65 27.03 3.10
N VAL A 261 7.90 26.09 3.68
CA VAL A 261 8.32 24.70 3.72
C VAL A 261 7.30 23.94 2.88
N LEU A 262 7.78 23.30 1.83
CA LEU A 262 6.91 22.58 0.90
C LEU A 262 7.15 21.06 0.77
N GLN A 263 6.12 20.25 1.03
CA GLN A 263 6.30 18.81 0.90
C GLN A 263 5.57 18.36 -0.37
N LEU A 264 6.26 17.58 -1.21
CA LEU A 264 5.70 17.14 -2.47
C LEU A 264 5.57 15.63 -2.67
N GLY A 265 5.00 14.94 -1.69
CA GLY A 265 4.80 13.51 -1.79
C GLY A 265 4.23 13.17 -3.15
N ALA A 266 4.88 12.28 -3.87
CA ALA A 266 4.43 11.90 -5.20
C ALA A 266 3.42 10.77 -5.22
N ASP A 267 2.77 10.50 -4.08
CA ASP A 267 1.77 9.42 -4.06
C ASP A 267 0.45 9.87 -4.66
N THR A 268 0.46 11.03 -5.30
CA THR A 268 -0.73 11.59 -5.91
C THR A 268 -0.69 11.33 -7.42
N ILE A 269 0.50 10.95 -7.89
CA ILE A 269 0.78 10.73 -9.32
C ILE A 269 0.12 9.49 -9.90
N ALA A 270 -0.48 9.65 -11.08
CA ALA A 270 -1.16 8.54 -11.75
C ALA A 270 -0.20 7.39 -11.74
N GLY A 271 -0.68 6.18 -11.46
CA GLY A 271 0.22 5.04 -11.45
C GLY A 271 0.76 4.67 -10.07
N ASP A 272 0.46 5.46 -9.04
CA ASP A 272 0.92 5.10 -7.72
C ASP A 272 0.08 3.99 -7.19
N PRO A 273 0.69 3.07 -6.44
CA PRO A 273 0.02 1.91 -5.84
C PRO A 273 -1.17 2.38 -4.99
N MET A 274 -1.05 3.59 -4.46
CA MET A 274 -2.07 4.20 -3.61
C MET A 274 -3.38 4.35 -4.38
N CYS A 275 -3.27 4.45 -5.71
CA CYS A 275 -4.39 4.55 -6.63
C CYS A 275 -5.55 5.44 -6.21
N SER A 276 -5.26 6.73 -5.96
CA SER A 276 -6.30 7.65 -5.53
C SER A 276 -6.41 8.88 -6.43
N PHE A 277 -5.37 9.70 -6.47
CA PHE A 277 -5.43 10.87 -7.33
C PHE A 277 -4.96 10.45 -8.72
N ASN A 278 -5.11 11.36 -9.67
CA ASN A 278 -4.72 11.07 -11.04
C ASN A 278 -3.92 12.23 -11.60
N MET A 279 -2.93 12.67 -10.83
CA MET A 279 -2.07 13.79 -11.19
C MET A 279 -0.85 13.35 -11.99
N THR A 280 -0.18 14.33 -12.61
CA THR A 280 1.07 14.09 -13.34
C THR A 280 2.01 15.13 -12.73
N PRO A 281 3.32 14.91 -12.83
CA PRO A 281 4.22 15.93 -12.26
C PRO A 281 4.01 17.36 -12.78
N VAL A 282 3.36 17.51 -13.92
CA VAL A 282 3.11 18.82 -14.47
C VAL A 282 2.10 19.62 -13.64
N GLY A 283 1.05 18.94 -13.16
CA GLY A 283 0.05 19.62 -12.35
C GLY A 283 0.73 20.13 -11.10
N ILE A 284 1.38 19.21 -10.39
CA ILE A 284 2.12 19.55 -9.17
C ILE A 284 3.16 20.62 -9.53
N GLY A 285 3.57 20.64 -10.79
CA GLY A 285 4.55 21.62 -11.24
C GLY A 285 4.03 23.05 -11.17
N LYS A 286 2.85 23.29 -11.73
CA LYS A 286 2.26 24.62 -11.73
C LYS A 286 2.16 25.14 -10.29
N CYS A 287 1.90 24.23 -9.36
CA CYS A 287 1.79 24.56 -7.95
C CYS A 287 3.14 25.04 -7.42
N LEU A 288 4.19 24.33 -7.82
CA LEU A 288 5.54 24.67 -7.42
C LEU A 288 5.87 26.06 -7.96
N LYS A 289 5.69 26.23 -9.27
CA LYS A 289 5.96 27.51 -9.92
C LYS A 289 5.23 28.64 -9.20
N TYR A 290 4.01 28.36 -8.74
CA TYR A 290 3.23 29.36 -8.04
C TYR A 290 3.91 29.77 -6.75
N ILE A 291 4.42 28.80 -6.00
CA ILE A 291 5.09 29.09 -4.73
C ILE A 291 6.47 29.71 -4.95
N LEU A 292 7.16 29.27 -6.00
CA LEU A 292 8.48 29.80 -6.28
C LEU A 292 8.43 31.27 -6.71
N GLN A 293 7.31 31.70 -7.27
CA GLN A 293 7.21 33.08 -7.72
C GLN A 293 7.05 34.09 -6.59
N TRP A 294 6.77 33.63 -5.37
CA TRP A 294 6.66 34.54 -4.23
C TRP A 294 8.08 34.98 -3.92
N GLN A 295 9.03 34.19 -4.38
CA GLN A 295 10.44 34.47 -4.20
C GLN A 295 10.88 34.45 -2.74
N LEU A 296 10.32 33.51 -1.97
CA LEU A 296 10.66 33.39 -0.56
C LEU A 296 11.65 32.25 -0.34
N ALA A 297 12.23 32.20 0.85
CA ALA A 297 13.14 31.13 1.23
C ALA A 297 12.28 29.87 1.17
N THR A 298 12.65 28.92 0.30
CA THR A 298 11.84 27.72 0.16
C THR A 298 12.55 26.39 0.34
N LEU A 299 12.07 25.62 1.31
CA LEU A 299 12.60 24.31 1.65
C LEU A 299 11.74 23.25 0.97
N ILE A 300 12.35 22.57 0.01
CA ILE A 300 11.70 21.50 -0.76
C ILE A 300 11.92 20.10 -0.16
N LEU A 301 10.82 19.39 0.09
CA LEU A 301 10.87 18.04 0.66
C LEU A 301 10.10 17.01 -0.17
N GLY A 302 10.44 15.74 0.01
CA GLY A 302 9.73 14.70 -0.71
C GLY A 302 8.56 14.17 0.10
N GLY A 303 8.44 12.85 0.18
CA GLY A 303 7.36 12.28 0.95
C GLY A 303 6.94 10.95 0.36
N GLY A 304 5.62 10.70 0.34
CA GLY A 304 5.08 9.48 -0.21
C GLY A 304 5.50 9.32 -1.65
N GLY A 305 5.16 8.19 -2.26
CA GLY A 305 5.54 7.93 -3.63
C GLY A 305 5.98 6.48 -3.64
N TYR A 306 5.04 5.57 -3.96
CA TYR A 306 5.33 4.14 -3.93
C TYR A 306 5.52 3.44 -5.29
N ASN A 307 5.56 4.22 -6.34
CA ASN A 307 5.85 3.68 -7.65
C ASN A 307 7.20 4.32 -7.83
N LEU A 308 8.25 3.60 -7.42
CA LEU A 308 9.62 4.10 -7.45
C LEU A 308 10.02 4.80 -8.75
N ALA A 309 9.65 4.24 -9.90
CA ALA A 309 10.01 4.87 -11.16
C ALA A 309 9.31 6.24 -11.33
N ASN A 310 8.00 6.30 -11.08
CA ASN A 310 7.27 7.55 -11.25
C ASN A 310 7.70 8.63 -10.29
N THR A 311 8.00 8.24 -9.06
CA THR A 311 8.40 9.22 -8.07
C THR A 311 9.68 9.89 -8.52
N ALA A 312 10.57 9.11 -9.12
CA ALA A 312 11.84 9.65 -9.62
C ALA A 312 11.51 10.61 -10.76
N ARG A 313 10.69 10.16 -11.71
CA ARG A 313 10.29 11.01 -12.83
C ARG A 313 9.67 12.29 -12.29
N CYS A 314 8.82 12.16 -11.29
CA CYS A 314 8.18 13.34 -10.74
C CYS A 314 9.18 14.35 -10.18
N TRP A 315 9.98 13.91 -9.22
CA TRP A 315 10.93 14.81 -8.58
C TRP A 315 12.04 15.33 -9.45
N THR A 316 12.55 14.57 -10.42
CA THR A 316 13.62 15.15 -11.25
C THR A 316 12.98 16.23 -12.12
N TYR A 317 11.77 15.95 -12.61
CA TYR A 317 11.07 16.93 -13.40
C TYR A 317 10.86 18.20 -12.57
N LEU A 318 10.35 18.05 -11.35
CA LEU A 318 10.12 19.20 -10.47
C LEU A 318 11.45 19.88 -10.21
N THR A 319 12.54 19.10 -10.22
CA THR A 319 13.86 19.68 -10.01
C THR A 319 14.11 20.62 -11.20
N GLY A 320 13.67 20.20 -12.38
CA GLY A 320 13.83 21.02 -13.56
C GLY A 320 13.01 22.28 -13.44
N VAL A 321 11.82 22.17 -12.86
CA VAL A 321 10.94 23.33 -12.69
C VAL A 321 11.55 24.33 -11.71
N ILE A 322 12.31 23.82 -10.73
CA ILE A 322 12.96 24.68 -9.77
C ILE A 322 14.09 25.39 -10.52
N LEU A 323 14.62 24.70 -11.52
CA LEU A 323 15.71 25.22 -12.34
C LEU A 323 15.21 25.92 -13.61
N GLY A 324 13.92 25.80 -13.89
CA GLY A 324 13.36 26.43 -15.07
C GLY A 324 13.65 25.73 -16.39
N LYS A 325 14.78 25.02 -16.46
CA LYS A 325 15.17 24.31 -17.69
C LYS A 325 14.32 23.08 -18.05
N THR A 326 13.59 23.17 -19.15
CA THR A 326 12.74 22.07 -19.60
C THR A 326 13.59 20.81 -19.87
N LEU A 327 13.07 19.65 -19.46
CA LEU A 327 13.79 18.39 -19.61
C LEU A 327 13.41 17.53 -20.81
N SER A 328 14.41 16.79 -21.31
CA SER A 328 14.24 15.90 -22.45
C SER A 328 13.22 14.80 -22.14
N SER A 329 12.22 14.69 -23.01
CA SER A 329 11.14 13.70 -22.89
C SER A 329 11.58 12.25 -22.78
N GLU A 330 12.69 11.90 -23.41
CA GLU A 330 13.20 10.54 -23.37
C GLU A 330 14.16 10.33 -22.19
N ILE A 331 13.99 9.20 -21.51
CA ILE A 331 14.81 8.86 -20.33
C ILE A 331 16.27 8.48 -20.64
N PRO A 332 17.21 9.22 -20.06
CA PRO A 332 18.66 9.07 -20.18
C PRO A 332 19.17 7.77 -19.57
N ASP A 333 20.08 7.11 -20.29
CA ASP A 333 20.62 5.85 -19.82
C ASP A 333 21.42 6.05 -18.54
N HIS A 334 21.14 5.20 -17.56
CA HIS A 334 21.81 5.26 -16.26
C HIS A 334 21.56 3.91 -15.59
N GLU A 335 21.91 3.83 -14.31
CA GLU A 335 21.77 2.61 -13.54
C GLU A 335 20.39 1.97 -13.54
N PHE A 336 19.36 2.76 -13.39
CA PHE A 336 18.01 2.22 -13.37
C PHE A 336 17.19 2.47 -14.62
N PHE A 337 17.87 2.59 -15.76
CA PHE A 337 17.19 2.81 -17.04
C PHE A 337 16.07 1.78 -17.25
N THR A 338 16.38 0.51 -16.99
CA THR A 338 15.41 -0.56 -17.14
C THR A 338 14.11 -0.34 -16.39
N ALA A 339 14.21 0.19 -15.17
CA ALA A 339 13.03 0.42 -14.33
C ALA A 339 11.96 1.29 -14.97
N TYR A 340 12.30 1.99 -16.04
CA TYR A 340 11.32 2.86 -16.67
C TYR A 340 10.39 2.17 -17.66
N GLY A 341 9.50 1.37 -17.06
CA GLY A 341 8.47 0.60 -17.73
C GLY A 341 8.82 0.21 -19.13
N PRO A 342 7.82 0.18 -20.02
CA PRO A 342 8.01 -0.17 -21.42
C PRO A 342 8.13 1.11 -22.25
N ASP A 343 7.52 2.18 -21.75
CA ASP A 343 7.51 3.47 -22.44
C ASP A 343 8.87 4.17 -22.52
N TYR A 344 9.55 4.29 -21.38
CA TYR A 344 10.85 4.94 -21.33
C TYR A 344 10.83 6.45 -21.57
N VAL A 345 9.71 7.08 -21.24
CA VAL A 345 9.56 8.53 -21.40
C VAL A 345 9.42 9.20 -20.03
N LEU A 346 9.74 10.48 -19.96
CA LEU A 346 9.66 11.20 -18.70
C LEU A 346 8.21 11.48 -18.27
N GLU A 347 7.34 11.73 -19.25
CA GLU A 347 5.94 12.02 -18.95
C GLU A 347 5.16 10.83 -18.37
N ILE A 348 4.12 11.15 -17.62
CA ILE A 348 3.26 10.16 -17.00
C ILE A 348 1.85 10.46 -17.49
N THR A 349 1.14 9.43 -17.93
CA THR A 349 -0.22 9.58 -18.45
C THR A 349 -1.25 9.13 -17.43
N PRO A 350 -2.22 10.00 -17.11
CA PRO A 350 -3.25 9.62 -16.13
C PRO A 350 -4.12 8.47 -16.61
N SER A 351 -4.62 7.67 -15.68
CA SER A 351 -5.47 6.55 -16.04
C SER A 351 -6.80 7.12 -16.52
N CYS A 352 -7.71 6.25 -16.93
CA CYS A 352 -9.01 6.70 -17.41
C CYS A 352 -10.06 6.67 -16.32
N ARG A 353 -9.64 6.91 -15.08
CA ARG A 353 -10.57 6.90 -13.97
C ARG A 353 -11.33 8.24 -13.86
N PRO A 354 -12.58 8.19 -13.38
CA PRO A 354 -13.38 9.41 -13.24
C PRO A 354 -12.91 10.34 -12.14
N ASP A 355 -13.29 11.61 -12.24
CA ASP A 355 -12.92 12.62 -11.25
C ASP A 355 -14.11 12.78 -10.30
N ARG A 356 -14.08 12.07 -9.17
CA ARG A 356 -15.16 12.13 -8.20
C ARG A 356 -15.29 13.45 -7.45
N ASN A 357 -14.82 14.54 -8.04
CA ASN A 357 -14.89 15.85 -7.42
C ASN A 357 -15.87 16.78 -8.14
N GLU A 358 -17.06 16.92 -7.56
CA GLU A 358 -18.12 17.79 -8.10
C GLU A 358 -17.76 19.27 -7.89
N PRO A 359 -18.01 20.11 -8.90
CA PRO A 359 -17.71 21.55 -8.85
C PRO A 359 -18.31 22.31 -7.66
N HIS A 360 -19.45 21.84 -7.17
CA HIS A 360 -20.11 22.52 -6.05
C HIS A 360 -19.42 22.32 -4.71
N ARG A 361 -19.02 21.09 -4.41
CA ARG A 361 -18.37 20.83 -3.14
C ARG A 361 -17.01 21.53 -3.05
N ILE A 362 -16.26 21.56 -4.16
CA ILE A 362 -14.95 22.20 -4.17
C ILE A 362 -15.09 23.69 -3.88
N GLN A 363 -16.10 24.30 -4.48
CA GLN A 363 -16.38 25.72 -4.29
C GLN A 363 -16.82 25.94 -2.85
N GLN A 364 -17.62 25.02 -2.32
CA GLN A 364 -18.09 25.13 -0.95
C GLN A 364 -16.88 25.12 -0.01
N ILE A 365 -15.99 24.13 -0.19
CA ILE A 365 -14.77 23.99 0.61
C ILE A 365 -13.96 25.28 0.58
N LEU A 366 -13.73 25.78 -0.63
CA LEU A 366 -12.97 27.01 -0.83
C LEU A 366 -13.61 28.19 -0.08
N ASN A 367 -14.93 28.32 -0.19
CA ASN A 367 -15.63 29.41 0.49
C ASN A 367 -15.46 29.32 2.00
N TYR A 368 -15.50 28.10 2.53
CA TYR A 368 -15.36 27.90 3.97
C TYR A 368 -14.03 28.48 4.46
N ILE A 369 -12.94 28.02 3.83
CA ILE A 369 -11.60 28.47 4.19
C ILE A 369 -11.44 29.96 3.92
N LYS A 370 -12.00 30.40 2.79
CA LYS A 370 -11.94 31.81 2.40
C LYS A 370 -12.51 32.68 3.52
N GLY A 371 -13.54 32.17 4.19
CA GLY A 371 -14.12 32.91 5.28
C GLY A 371 -13.14 32.86 6.44
N ASN A 372 -12.77 31.64 6.79
CA ASN A 372 -11.83 31.36 7.87
C ASN A 372 -10.62 32.30 7.88
N LEU A 373 -10.01 32.51 6.70
CA LEU A 373 -8.81 33.34 6.61
C LEU A 373 -9.02 34.79 7.00
N LYS A 374 -8.61 35.12 8.22
CA LYS A 374 -8.73 36.45 8.81
C LYS A 374 -7.78 36.55 10.00
N HIS A 375 -6.54 36.56 9.76
N VAL B 15 -12.62 -34.30 10.36
CA VAL B 15 -12.08 -33.07 11.02
C VAL B 15 -11.07 -32.38 10.10
N PRO B 16 -11.11 -31.04 10.06
CA PRO B 16 -10.24 -30.18 9.25
C PRO B 16 -8.75 -30.33 9.55
N VAL B 17 -7.94 -30.12 8.51
CA VAL B 17 -6.49 -30.20 8.62
C VAL B 17 -5.90 -28.80 8.64
N TYR B 18 -5.16 -28.49 9.70
CA TYR B 18 -4.54 -27.18 9.85
C TYR B 18 -3.06 -27.27 9.54
N ILE B 19 -2.65 -26.80 8.37
CA ILE B 19 -1.25 -26.83 7.98
C ILE B 19 -0.45 -25.94 8.90
N TYR B 20 0.48 -26.52 9.66
CA TYR B 20 1.26 -25.73 10.59
C TYR B 20 2.52 -26.36 11.20
N SER B 21 3.46 -25.50 11.55
CA SER B 21 4.71 -25.85 12.21
C SER B 21 5.39 -24.52 12.52
N PRO B 22 6.00 -24.36 13.69
CA PRO B 22 6.66 -23.09 14.02
C PRO B 22 7.75 -22.67 13.04
N GLU B 23 8.42 -23.65 12.45
CA GLU B 23 9.49 -23.40 11.50
C GLU B 23 8.88 -22.76 10.24
N TYR B 24 7.70 -23.23 9.86
CA TYR B 24 7.00 -22.68 8.71
C TYR B 24 6.53 -21.26 9.01
N VAL B 25 5.78 -21.10 10.10
CA VAL B 25 5.27 -19.78 10.48
C VAL B 25 6.41 -18.77 10.52
N SER B 26 7.55 -19.20 11.05
CA SER B 26 8.72 -18.33 11.17
C SER B 26 9.21 -17.96 9.76
N MET B 27 9.30 -18.97 8.90
CA MET B 27 9.72 -18.77 7.52
C MET B 27 8.74 -17.82 6.81
N CYS B 28 7.46 -17.92 7.14
CA CYS B 28 6.47 -17.03 6.54
C CYS B 28 6.54 -15.61 7.09
N ASP B 29 7.01 -15.48 8.33
CA ASP B 29 7.13 -14.15 8.95
C ASP B 29 8.27 -13.29 8.39
N SER B 30 9.20 -13.93 7.68
CA SER B 30 10.35 -13.22 7.12
C SER B 30 10.06 -12.44 5.84
N LEU B 31 8.81 -12.46 5.38
CA LEU B 31 8.46 -11.74 4.16
C LEU B 31 8.38 -10.23 4.47
N ALA B 32 9.35 -9.50 3.94
CA ALA B 32 9.47 -8.04 4.15
C ALA B 32 8.18 -7.24 4.06
N LYS B 33 7.42 -7.47 3.00
CA LYS B 33 6.18 -6.74 2.77
C LYS B 33 5.01 -7.09 3.68
N ILE B 34 5.19 -8.11 4.52
CA ILE B 34 4.12 -8.54 5.41
C ILE B 34 4.72 -9.31 6.60
N PRO B 35 5.56 -8.63 7.39
CA PRO B 35 6.21 -9.23 8.55
C PRO B 35 5.34 -9.57 9.77
N LYS B 36 5.48 -10.81 10.23
CA LYS B 36 4.78 -11.31 11.40
C LYS B 36 3.32 -11.68 11.25
N ARG B 37 2.72 -11.36 10.11
CA ARG B 37 1.31 -11.70 9.92
C ARG B 37 1.06 -13.18 10.20
N ALA B 38 1.95 -14.04 9.75
CA ALA B 38 1.81 -15.48 9.99
C ALA B 38 1.67 -15.80 11.48
N SER B 39 2.58 -15.24 12.30
CA SER B 39 2.53 -15.43 13.75
C SER B 39 1.24 -14.91 14.35
N MET B 40 0.87 -13.69 13.97
CA MET B 40 -0.35 -13.08 14.50
C MET B 40 -1.58 -13.92 14.19
N VAL B 41 -1.67 -14.45 12.98
CA VAL B 41 -2.78 -15.28 12.57
C VAL B 41 -2.78 -16.60 13.34
N HIS B 42 -1.61 -17.20 13.50
CA HIS B 42 -1.56 -18.46 14.22
C HIS B 42 -1.88 -18.26 15.70
N SER B 43 -1.35 -17.17 16.26
CA SER B 43 -1.55 -16.84 17.68
C SER B 43 -3.02 -16.71 18.04
N LEU B 44 -3.74 -15.92 17.25
CA LEU B 44 -5.15 -15.69 17.52
C LEU B 44 -5.97 -16.97 17.47
N ILE B 45 -5.73 -17.80 16.46
CA ILE B 45 -6.45 -19.06 16.33
C ILE B 45 -6.17 -19.90 17.57
N GLU B 46 -4.89 -20.01 17.90
CA GLU B 46 -4.43 -20.76 19.06
C GLU B 46 -5.04 -20.16 20.32
N ALA B 47 -5.00 -18.83 20.42
CA ALA B 47 -5.55 -18.15 21.57
C ALA B 47 -7.01 -18.52 21.77
N TYR B 48 -7.73 -18.80 20.67
CA TYR B 48 -9.13 -19.21 20.76
C TYR B 48 -9.21 -20.71 20.89
N ALA B 49 -8.06 -21.34 21.09
CA ALA B 49 -7.98 -22.79 21.23
C ALA B 49 -8.59 -23.50 20.02
N LEU B 50 -8.65 -22.79 18.89
CA LEU B 50 -9.22 -23.36 17.67
C LEU B 50 -8.42 -24.52 17.10
N HIS B 51 -7.11 -24.50 17.28
CA HIS B 51 -6.29 -25.61 16.81
C HIS B 51 -6.78 -26.78 17.65
N LYS B 52 -6.05 -27.89 17.68
CA LYS B 52 -6.46 -29.02 18.51
C LYS B 52 -7.88 -29.49 18.19
N GLN B 53 -8.57 -28.74 17.35
CA GLN B 53 -9.93 -29.08 16.94
C GLN B 53 -9.74 -29.38 15.47
N MET B 54 -8.46 -29.41 15.08
CA MET B 54 -8.06 -29.67 13.71
C MET B 54 -6.85 -30.58 13.71
N ARG B 55 -6.60 -31.25 12.59
CA ARG B 55 -5.46 -32.13 12.50
C ARG B 55 -4.26 -31.30 12.05
N ILE B 56 -3.36 -31.03 12.98
CA ILE B 56 -2.18 -30.23 12.65
C ILE B 56 -1.23 -31.07 11.81
N VAL B 57 -0.71 -30.47 10.75
CA VAL B 57 0.21 -31.17 9.86
C VAL B 57 1.41 -30.29 9.51
N LYS B 58 2.61 -30.82 9.71
CA LYS B 58 3.82 -30.05 9.39
C LYS B 58 3.89 -30.01 7.86
N PRO B 59 4.22 -28.84 7.28
CA PRO B 59 4.31 -28.70 5.82
C PRO B 59 5.61 -29.24 5.22
N LYS B 60 5.49 -30.01 4.14
CA LYS B 60 6.66 -30.54 3.47
C LYS B 60 7.19 -29.41 2.59
N VAL B 61 8.50 -29.33 2.45
CA VAL B 61 9.08 -28.29 1.59
C VAL B 61 8.98 -28.80 0.15
N ALA B 62 8.78 -27.88 -0.78
CA ALA B 62 8.64 -28.25 -2.17
C ALA B 62 9.97 -28.41 -2.90
N SER B 63 10.12 -29.53 -3.61
CA SER B 63 11.32 -29.83 -4.37
C SER B 63 11.25 -29.11 -5.72
N MET B 64 12.38 -29.05 -6.42
CA MET B 64 12.44 -28.39 -7.72
C MET B 64 11.52 -29.02 -8.74
N GLU B 65 11.37 -30.34 -8.67
CA GLU B 65 10.51 -31.05 -9.59
C GLU B 65 9.07 -30.59 -9.39
N GLU B 66 8.68 -30.46 -8.13
CA GLU B 66 7.34 -30.05 -7.76
C GLU B 66 7.00 -28.63 -8.19
N MET B 67 7.84 -27.67 -7.82
CA MET B 67 7.59 -26.29 -8.20
C MET B 67 7.64 -26.14 -9.72
N ALA B 68 8.30 -27.10 -10.37
CA ALA B 68 8.46 -27.11 -11.81
C ALA B 68 7.23 -27.62 -12.56
N THR B 69 6.26 -28.16 -11.85
CA THR B 69 5.05 -28.64 -12.53
C THR B 69 4.32 -27.44 -13.15
N PHE B 70 4.77 -26.23 -12.77
CA PHE B 70 4.17 -25.01 -13.29
C PHE B 70 5.24 -23.99 -13.73
N HIS B 71 6.17 -23.71 -12.83
CA HIS B 71 7.23 -22.74 -13.14
C HIS B 71 8.33 -23.34 -13.98
N THR B 72 8.96 -22.49 -14.80
CA THR B 72 10.04 -22.92 -15.67
C THR B 72 11.33 -23.01 -14.83
N ASP B 73 12.13 -24.04 -15.08
CA ASP B 73 13.38 -24.19 -14.33
C ASP B 73 14.28 -22.97 -14.43
N ALA B 74 14.20 -22.25 -15.54
CA ALA B 74 15.00 -21.04 -15.73
C ALA B 74 14.64 -20.05 -14.64
N TYR B 75 13.34 -19.92 -14.38
CA TYR B 75 12.85 -19.01 -13.36
C TYR B 75 13.19 -19.55 -11.97
N LEU B 76 12.98 -20.85 -11.77
CA LEU B 76 13.26 -21.47 -10.49
C LEU B 76 14.74 -21.44 -10.13
N GLN B 77 15.60 -21.56 -11.13
CA GLN B 77 17.04 -21.55 -10.88
C GLN B 77 17.51 -20.14 -10.59
N HIS B 78 17.04 -19.19 -11.39
CA HIS B 78 17.41 -17.80 -11.17
C HIS B 78 16.90 -17.40 -9.80
N LEU B 79 15.76 -17.97 -9.43
CA LEU B 79 15.12 -17.69 -8.15
C LEU B 79 15.94 -18.26 -7.00
N GLN B 80 16.48 -19.46 -7.17
CA GLN B 80 17.26 -20.11 -6.13
C GLN B 80 18.64 -19.47 -6.01
N LYS B 81 19.20 -19.11 -7.15
CA LYS B 81 20.52 -18.48 -7.23
C LYS B 81 20.56 -17.21 -6.38
N VAL B 82 19.69 -16.25 -6.69
CA VAL B 82 19.63 -14.99 -5.97
C VAL B 82 19.24 -15.21 -4.51
N SER B 83 18.48 -16.27 -4.27
CA SER B 83 18.03 -16.60 -2.92
C SER B 83 19.19 -16.67 -1.93
N GLN B 84 20.39 -16.94 -2.45
CA GLN B 84 21.58 -17.04 -1.62
C GLN B 84 22.32 -15.70 -1.55
N GLU B 85 22.33 -14.98 -2.67
CA GLU B 85 22.98 -13.68 -2.76
C GLU B 85 22.97 -13.16 -4.19
N TYR B 96 11.97 -11.34 -15.03
CA TYR B 96 11.61 -12.17 -13.89
C TYR B 96 10.67 -11.49 -12.89
N GLY B 97 10.23 -10.28 -13.23
CA GLY B 97 9.31 -9.53 -12.38
C GLY B 97 9.75 -9.32 -10.94
N LEU B 98 11.06 -9.31 -10.70
CA LEU B 98 11.60 -9.10 -9.37
C LEU B 98 12.07 -7.67 -9.15
N GLY B 99 12.08 -7.21 -7.90
CA GLY B 99 12.53 -5.85 -7.63
C GLY B 99 11.94 -5.10 -6.44
N TYR B 100 11.05 -4.16 -6.74
CA TYR B 100 10.40 -3.31 -5.76
C TYR B 100 9.25 -4.01 -5.04
N ASP B 101 8.23 -4.35 -5.80
CA ASP B 101 7.04 -5.00 -5.29
C ASP B 101 7.40 -6.44 -4.90
N CYS B 102 8.32 -7.04 -5.66
CA CYS B 102 8.75 -8.41 -5.39
C CYS B 102 10.27 -8.45 -5.28
N PRO B 103 10.82 -7.71 -4.31
CA PRO B 103 12.27 -7.64 -4.09
C PRO B 103 13.12 -8.89 -4.16
N ALA B 104 14.43 -8.67 -4.14
CA ALA B 104 15.43 -9.73 -4.19
C ALA B 104 15.84 -10.17 -2.81
N THR B 105 14.93 -10.05 -1.86
CA THR B 105 15.18 -10.44 -0.47
C THR B 105 15.83 -11.82 -0.44
N GLU B 106 16.65 -12.07 0.58
CA GLU B 106 17.31 -13.36 0.72
C GLU B 106 16.36 -14.46 1.20
N GLY B 107 16.87 -15.68 1.29
CA GLY B 107 16.03 -16.79 1.71
C GLY B 107 14.67 -16.75 1.05
N ILE B 108 14.63 -16.18 -0.16
CA ILE B 108 13.39 -16.07 -0.92
C ILE B 108 12.99 -17.41 -1.54
N PHE B 109 13.96 -18.16 -2.04
CA PHE B 109 13.69 -19.46 -2.63
C PHE B 109 13.07 -20.32 -1.56
N ASP B 110 13.71 -20.35 -0.40
CA ASP B 110 13.23 -21.13 0.74
C ASP B 110 11.80 -20.77 1.12
N TYR B 111 11.50 -19.47 1.11
CA TYR B 111 10.17 -19.00 1.43
C TYR B 111 9.17 -19.57 0.42
N ALA B 112 9.47 -19.37 -0.86
CA ALA B 112 8.61 -19.86 -1.93
C ALA B 112 8.46 -21.38 -1.85
N ALA B 113 9.56 -22.06 -1.54
CA ALA B 113 9.55 -23.50 -1.42
C ALA B 113 8.64 -23.95 -0.27
N ALA B 114 8.78 -23.31 0.88
CA ALA B 114 7.96 -23.64 2.05
C ALA B 114 6.46 -23.41 1.78
N ILE B 115 6.14 -22.24 1.24
CA ILE B 115 4.74 -21.94 0.96
C ILE B 115 4.19 -22.88 -0.09
N GLY B 116 4.99 -23.11 -1.13
CA GLY B 116 4.58 -24.00 -2.19
C GLY B 116 4.38 -25.41 -1.66
N GLY B 117 5.32 -25.88 -0.86
CA GLY B 117 5.22 -27.21 -0.30
C GLY B 117 4.02 -27.32 0.62
N ALA B 118 3.74 -26.27 1.37
CA ALA B 118 2.62 -26.26 2.30
C ALA B 118 1.27 -26.45 1.61
N THR B 119 1.03 -25.70 0.53
CA THR B 119 -0.23 -25.83 -0.20
C THR B 119 -0.27 -27.18 -0.91
N ILE B 120 0.91 -27.67 -1.32
CA ILE B 120 1.00 -28.94 -2.01
C ILE B 120 0.68 -30.07 -1.04
N THR B 121 1.19 -29.98 0.19
CA THR B 121 0.90 -31.01 1.17
C THR B 121 -0.57 -30.93 1.53
N ALA B 122 -1.10 -29.71 1.53
CA ALA B 122 -2.52 -29.52 1.86
C ALA B 122 -3.37 -30.23 0.81
N ALA B 123 -2.87 -30.28 -0.43
CA ALA B 123 -3.60 -30.94 -1.50
C ALA B 123 -3.50 -32.44 -1.30
N GLN B 124 -2.33 -32.90 -0.83
CA GLN B 124 -2.13 -34.33 -0.58
C GLN B 124 -3.12 -34.85 0.44
N CYS B 125 -3.23 -34.16 1.58
CA CYS B 125 -4.14 -34.58 2.62
C CYS B 125 -5.57 -34.74 2.09
N LEU B 126 -6.00 -33.83 1.23
CA LEU B 126 -7.35 -33.91 0.65
C LEU B 126 -7.46 -35.17 -0.18
N ILE B 127 -6.37 -35.49 -0.88
CA ILE B 127 -6.32 -36.67 -1.73
C ILE B 127 -6.45 -37.95 -0.92
N ASP B 128 -5.66 -38.07 0.14
CA ASP B 128 -5.71 -39.27 0.97
C ASP B 128 -7.10 -39.61 1.47
N GLY B 129 -7.45 -39.19 2.68
CA GLY B 129 -8.78 -39.54 3.15
C GLY B 129 -9.49 -38.53 4.01
N MET B 130 -9.84 -38.98 5.22
CA MET B 130 -10.55 -38.19 6.22
C MET B 130 -10.75 -36.70 5.89
N CYS B 131 -9.64 -35.98 5.87
CA CYS B 131 -9.64 -34.55 5.59
C CYS B 131 -10.49 -34.10 4.39
N LYS B 132 -11.56 -33.35 4.67
CA LYS B 132 -12.45 -32.84 3.62
C LYS B 132 -12.12 -31.38 3.31
N VAL B 133 -11.33 -30.76 4.18
CA VAL B 133 -10.91 -29.38 4.03
C VAL B 133 -9.53 -29.23 4.68
N ALA B 134 -8.60 -28.64 3.93
CA ALA B 134 -7.25 -28.42 4.44
C ALA B 134 -7.00 -26.91 4.44
N ILE B 135 -6.32 -26.43 5.47
CA ILE B 135 -6.05 -25.00 5.59
C ILE B 135 -4.57 -24.60 5.61
N ASN B 136 -4.25 -23.60 4.78
CA ASN B 136 -2.91 -23.04 4.70
C ASN B 136 -3.03 -21.52 4.58
N TRP B 137 -3.38 -20.87 5.69
CA TRP B 137 -3.56 -19.42 5.69
C TRP B 137 -2.38 -18.64 5.12
N SER B 138 -1.18 -19.21 5.16
CA SER B 138 -0.01 -18.51 4.63
C SER B 138 0.14 -18.61 3.11
N GLY B 139 -0.73 -19.36 2.47
CA GLY B 139 -0.67 -19.49 1.02
C GLY B 139 -1.62 -18.51 0.37
N GLY B 140 -1.83 -18.67 -0.94
CA GLY B 140 -2.74 -17.79 -1.67
C GLY B 140 -2.13 -16.75 -2.59
N TRP B 141 -0.83 -16.89 -2.90
CA TRP B 141 -0.17 -15.93 -3.78
C TRP B 141 -0.56 -16.21 -5.23
N HIS B 142 -1.71 -15.68 -5.61
CA HIS B 142 -2.32 -15.87 -6.92
C HIS B 142 -1.83 -15.07 -8.13
N HIS B 143 -0.88 -14.16 -7.92
CA HIS B 143 -0.38 -13.34 -9.04
C HIS B 143 0.82 -13.92 -9.79
N ALA B 144 1.66 -14.68 -9.09
CA ALA B 144 2.85 -15.28 -9.68
C ALA B 144 2.65 -16.00 -11.02
N LYS B 145 3.40 -15.57 -12.03
CA LYS B 145 3.33 -16.19 -13.36
C LYS B 145 4.23 -17.42 -13.42
N LYS B 146 4.10 -18.25 -14.45
CA LYS B 146 4.95 -19.43 -14.52
C LYS B 146 6.44 -19.11 -14.54
N ASP B 147 6.81 -18.02 -15.21
CA ASP B 147 8.21 -17.64 -15.27
C ASP B 147 8.42 -16.20 -14.82
N GLU B 148 7.63 -15.75 -13.86
CA GLU B 148 7.73 -14.38 -13.38
C GLU B 148 6.99 -14.09 -12.07
N ALA B 149 7.62 -13.31 -11.20
CA ALA B 149 7.03 -12.93 -9.91
C ALA B 149 6.21 -11.65 -10.10
N SER B 150 5.10 -11.55 -9.38
CA SER B 150 4.21 -10.40 -9.49
C SER B 150 3.40 -10.16 -8.23
N GLY B 151 3.17 -8.89 -7.92
CA GLY B 151 2.39 -8.51 -6.74
C GLY B 151 2.73 -9.23 -5.46
N PHE B 152 3.97 -9.14 -5.01
CA PHE B 152 4.42 -9.77 -3.76
C PHE B 152 4.45 -11.32 -3.86
N CYS B 153 4.10 -11.85 -5.02
CA CYS B 153 4.06 -13.29 -5.24
C CYS B 153 5.26 -13.79 -6.05
N TYR B 154 6.02 -14.70 -5.45
CA TYR B 154 7.20 -15.25 -6.11
C TYR B 154 6.90 -16.64 -6.68
N LEU B 155 6.09 -17.39 -5.96
CA LEU B 155 5.70 -18.74 -6.37
C LEU B 155 4.17 -18.74 -6.37
N ASN B 156 3.55 -19.47 -7.29
CA ASN B 156 2.07 -19.51 -7.32
C ASN B 156 1.55 -20.82 -6.71
N ASP B 157 1.54 -20.87 -5.38
CA ASP B 157 1.12 -22.06 -4.66
C ASP B 157 -0.30 -22.57 -4.99
N ALA B 158 -1.23 -21.69 -5.35
CA ALA B 158 -2.57 -22.14 -5.67
C ALA B 158 -2.52 -23.06 -6.90
N VAL B 159 -1.85 -22.58 -7.95
CA VAL B 159 -1.71 -23.35 -9.18
C VAL B 159 -1.12 -24.73 -8.86
N LEU B 160 -0.06 -24.75 -8.04
CA LEU B 160 0.57 -26.00 -7.65
C LEU B 160 -0.42 -26.92 -6.93
N GLY B 161 -1.22 -26.34 -6.05
CA GLY B 161 -2.18 -27.15 -5.33
C GLY B 161 -3.28 -27.68 -6.22
N ILE B 162 -3.65 -26.89 -7.23
CA ILE B 162 -4.71 -27.29 -8.16
C ILE B 162 -4.19 -28.41 -9.04
N LEU B 163 -2.96 -28.26 -9.53
CA LEU B 163 -2.37 -29.27 -10.39
C LEU B 163 -2.30 -30.57 -9.62
N ARG B 164 -1.73 -30.50 -8.43
CA ARG B 164 -1.57 -31.67 -7.57
C ARG B 164 -2.91 -32.32 -7.26
N LEU B 165 -3.94 -31.48 -7.14
CA LEU B 165 -5.28 -31.95 -6.83
C LEU B 165 -5.86 -32.73 -8.02
N ARG B 166 -5.43 -32.39 -9.23
CA ARG B 166 -5.93 -33.08 -10.42
C ARG B 166 -5.47 -34.52 -10.55
N ARG B 167 -4.51 -34.92 -9.72
CA ARG B 167 -4.03 -36.29 -9.75
C ARG B 167 -5.13 -37.22 -9.26
N LYS B 168 -6.11 -36.67 -8.55
CA LYS B 168 -7.21 -37.48 -8.04
C LYS B 168 -8.61 -36.89 -8.28
N PHE B 169 -8.67 -35.63 -8.71
CA PHE B 169 -9.95 -34.97 -8.96
C PHE B 169 -10.07 -34.53 -10.42
N GLU B 170 -11.16 -34.92 -11.06
CA GLU B 170 -11.38 -34.59 -12.47
C GLU B 170 -11.56 -33.09 -12.73
N ARG B 171 -12.41 -32.44 -11.96
CA ARG B 171 -12.65 -31.01 -12.16
C ARG B 171 -12.43 -30.16 -10.91
N ILE B 172 -11.54 -29.18 -11.04
CA ILE B 172 -11.21 -28.29 -9.94
C ILE B 172 -11.84 -26.91 -10.09
N LEU B 173 -12.45 -26.43 -9.02
CA LEU B 173 -13.06 -25.12 -9.02
C LEU B 173 -12.20 -24.24 -8.12
N TYR B 174 -11.70 -23.16 -8.69
CA TYR B 174 -10.88 -22.23 -7.94
C TYR B 174 -11.68 -20.94 -7.72
N VAL B 175 -11.92 -20.60 -6.46
CA VAL B 175 -12.67 -19.40 -6.12
C VAL B 175 -11.74 -18.41 -5.42
N ASP B 176 -11.57 -17.24 -6.03
CA ASP B 176 -10.68 -16.21 -5.50
C ASP B 176 -11.51 -15.01 -4.98
N LEU B 177 -11.54 -14.83 -3.66
CA LEU B 177 -12.29 -13.73 -3.06
C LEU B 177 -11.38 -12.59 -2.58
N ASP B 178 -10.12 -12.65 -2.99
CA ASP B 178 -9.13 -11.63 -2.66
C ASP B 178 -9.62 -10.30 -3.24
N LEU B 179 -9.07 -9.17 -2.79
CA LEU B 179 -9.48 -7.88 -3.31
C LEU B 179 -9.10 -7.77 -4.76
N HIS B 180 -7.99 -8.40 -5.12
CA HIS B 180 -7.42 -8.36 -6.47
C HIS B 180 -7.70 -9.57 -7.36
N HIS B 181 -7.82 -9.31 -8.66
CA HIS B 181 -8.07 -10.35 -9.66
C HIS B 181 -6.99 -11.44 -9.61
N GLY B 182 -7.42 -12.71 -9.57
CA GLY B 182 -6.48 -13.81 -9.54
C GLY B 182 -5.95 -14.13 -10.93
N ASP B 183 -5.29 -13.16 -11.54
CA ASP B 183 -4.77 -13.30 -12.89
C ASP B 183 -3.82 -14.48 -13.07
N GLY B 184 -2.84 -14.61 -12.16
CA GLY B 184 -1.88 -15.69 -12.25
C GLY B 184 -2.48 -17.09 -12.33
N VAL B 185 -3.46 -17.38 -11.48
CA VAL B 185 -4.09 -18.69 -11.50
C VAL B 185 -4.98 -18.84 -12.73
N GLU B 186 -5.71 -17.78 -13.07
CA GLU B 186 -6.59 -17.81 -14.23
C GLU B 186 -5.79 -18.04 -15.51
N ASP B 187 -4.70 -17.30 -15.66
CA ASP B 187 -3.85 -17.44 -16.84
C ASP B 187 -3.30 -18.86 -16.97
N ALA B 188 -2.90 -19.44 -15.86
CA ALA B 188 -2.34 -20.79 -15.88
C ALA B 188 -3.33 -21.82 -16.45
N PHE B 189 -4.63 -21.60 -16.24
CA PHE B 189 -5.61 -22.56 -16.72
C PHE B 189 -6.58 -22.04 -17.75
N SER B 190 -6.28 -20.88 -18.31
CA SER B 190 -7.14 -20.25 -19.31
C SER B 190 -7.56 -21.13 -20.50
N PHE B 191 -6.69 -22.02 -20.97
CA PHE B 191 -7.03 -22.88 -22.10
C PHE B 191 -7.59 -24.26 -21.76
N THR B 192 -7.87 -24.53 -20.49
CA THR B 192 -8.40 -25.83 -20.13
C THR B 192 -9.80 -25.80 -19.50
N SER B 193 -10.54 -26.89 -19.65
CA SER B 193 -11.87 -26.95 -19.09
C SER B 193 -11.88 -27.90 -17.88
N LYS B 194 -10.68 -28.31 -17.47
CA LYS B 194 -10.52 -29.19 -16.32
C LYS B 194 -10.56 -28.40 -15.01
N VAL B 195 -10.13 -27.15 -15.07
CA VAL B 195 -10.10 -26.25 -13.92
C VAL B 195 -10.89 -24.99 -14.23
N MET B 196 -11.85 -24.62 -13.39
CA MET B 196 -12.60 -23.40 -13.65
C MET B 196 -12.24 -22.37 -12.59
N THR B 197 -11.91 -21.17 -13.03
CA THR B 197 -11.53 -20.11 -12.11
C THR B 197 -12.59 -19.02 -12.05
N VAL B 198 -13.01 -18.65 -10.84
CA VAL B 198 -14.01 -17.62 -10.65
C VAL B 198 -13.43 -16.58 -9.67
N SER B 199 -13.34 -15.34 -10.13
CA SER B 199 -12.75 -14.30 -9.31
C SER B 199 -13.66 -13.10 -9.05
N LEU B 200 -13.92 -12.81 -7.78
CA LEU B 200 -14.71 -11.66 -7.38
C LEU B 200 -13.68 -10.59 -6.99
N HIS B 201 -13.59 -9.49 -7.70
CA HIS B 201 -12.56 -8.52 -7.33
C HIS B 201 -12.92 -7.09 -7.71
N LYS B 202 -12.02 -6.17 -7.36
CA LYS B 202 -12.20 -4.76 -7.67
C LYS B 202 -11.70 -4.52 -9.09
N PHE B 203 -12.41 -3.70 -9.84
CA PHE B 203 -11.98 -3.41 -11.21
C PHE B 203 -12.10 -1.93 -11.55
N SER B 204 -10.97 -1.24 -11.50
CA SER B 204 -10.89 0.19 -11.80
C SER B 204 -9.71 0.45 -12.70
N PRO B 205 -9.84 1.42 -13.62
CA PRO B 205 -8.80 1.80 -14.57
C PRO B 205 -7.37 1.44 -14.16
N GLY B 206 -6.86 2.05 -13.09
CA GLY B 206 -5.49 1.74 -12.69
C GLY B 206 -5.30 0.79 -11.51
N PHE B 207 -6.37 0.15 -11.05
CA PHE B 207 -6.22 -0.77 -9.93
C PHE B 207 -5.61 -2.11 -10.35
N PHE B 208 -4.53 -2.49 -9.66
CA PHE B 208 -3.78 -3.73 -9.87
C PHE B 208 -4.68 -4.98 -9.91
N PRO B 209 -4.45 -5.89 -10.88
CA PRO B 209 -3.45 -5.88 -11.95
C PRO B 209 -3.96 -5.28 -13.26
N GLY B 210 -5.18 -4.75 -13.24
CA GLY B 210 -5.74 -4.14 -14.43
C GLY B 210 -6.66 -5.06 -15.22
N THR B 211 -6.41 -6.36 -15.11
CA THR B 211 -7.16 -7.38 -15.82
C THR B 211 -8.35 -7.92 -15.01
N GLY B 212 -9.25 -8.63 -15.68
CA GLY B 212 -10.38 -9.21 -14.98
C GLY B 212 -11.78 -8.65 -15.16
N ASP B 213 -12.11 -8.13 -16.33
CA ASP B 213 -13.45 -7.61 -16.55
C ASP B 213 -14.36 -8.82 -16.70
N VAL B 214 -15.68 -8.62 -16.66
CA VAL B 214 -16.61 -9.74 -16.78
C VAL B 214 -16.53 -10.36 -18.18
N SER B 215 -16.16 -9.56 -19.17
CA SER B 215 -16.06 -10.04 -20.53
C SER B 215 -14.92 -11.07 -20.70
N ASP B 216 -13.98 -11.07 -19.75
CA ASP B 216 -12.86 -12.00 -19.78
C ASP B 216 -13.42 -13.35 -19.33
N VAL B 217 -13.37 -14.35 -20.21
CA VAL B 217 -13.92 -15.67 -19.89
C VAL B 217 -13.04 -16.86 -20.25
N GLY B 218 -11.78 -16.62 -20.57
CA GLY B 218 -10.90 -17.72 -20.94
C GLY B 218 -10.63 -17.77 -22.42
N LEU B 219 -9.98 -18.85 -22.88
CA LEU B 219 -9.63 -19.01 -24.28
C LEU B 219 -9.66 -20.45 -24.80
N GLY B 220 -9.87 -20.57 -26.11
CA GLY B 220 -9.92 -21.87 -26.75
C GLY B 220 -10.73 -22.86 -25.96
N LYS B 221 -10.11 -24.01 -25.66
CA LYS B 221 -10.76 -25.06 -24.89
C LYS B 221 -11.34 -24.52 -23.58
N GLY B 222 -10.68 -23.52 -23.01
CA GLY B 222 -11.13 -22.94 -21.75
C GLY B 222 -12.16 -21.84 -21.82
N ARG B 223 -12.60 -21.47 -23.02
CA ARG B 223 -13.60 -20.41 -23.15
C ARG B 223 -14.79 -20.69 -22.24
N TYR B 224 -15.22 -19.67 -21.49
CA TYR B 224 -16.34 -19.75 -20.54
C TYR B 224 -15.94 -20.49 -19.26
N TYR B 225 -14.68 -20.88 -19.15
CA TYR B 225 -14.21 -21.57 -17.95
C TYR B 225 -13.47 -20.63 -16.99
N SER B 226 -13.46 -19.35 -17.35
CA SER B 226 -12.89 -18.29 -16.53
C SER B 226 -14.02 -17.31 -16.29
N VAL B 227 -14.49 -17.18 -15.05
CA VAL B 227 -15.54 -16.21 -14.77
C VAL B 227 -14.99 -15.11 -13.86
N ASN B 228 -15.24 -13.86 -14.24
CA ASN B 228 -14.77 -12.71 -13.47
C ASN B 228 -15.90 -11.77 -13.12
N VAL B 229 -15.96 -11.40 -11.85
CA VAL B 229 -16.99 -10.50 -11.36
C VAL B 229 -16.37 -9.19 -10.87
N PRO B 230 -16.12 -8.23 -11.78
CA PRO B 230 -15.54 -6.94 -11.42
C PRO B 230 -16.49 -6.17 -10.49
N ILE B 231 -15.99 -5.73 -9.35
CA ILE B 231 -16.78 -5.00 -8.36
C ILE B 231 -16.19 -3.64 -8.09
N GLN B 232 -16.98 -2.75 -7.49
CA GLN B 232 -16.53 -1.39 -7.17
C GLN B 232 -16.45 -1.12 -5.66
N ASP B 233 -15.67 -0.10 -5.30
CA ASP B 233 -15.49 0.30 -3.91
C ASP B 233 -16.79 0.44 -3.10
N GLY B 234 -16.67 0.26 -1.78
CA GLY B 234 -17.81 0.43 -0.91
C GLY B 234 -18.74 -0.74 -0.71
N ILE B 235 -18.51 -1.83 -1.43
CA ILE B 235 -19.37 -2.99 -1.34
C ILE B 235 -19.39 -3.53 0.10
N GLN B 236 -20.55 -3.98 0.56
CA GLN B 236 -20.67 -4.51 1.91
C GLN B 236 -21.19 -5.94 1.94
N ASP B 237 -21.13 -6.55 3.11
CA ASP B 237 -21.54 -7.94 3.30
C ASP B 237 -22.75 -8.48 2.54
N GLU B 238 -23.94 -7.99 2.86
CA GLU B 238 -25.13 -8.52 2.21
C GLU B 238 -25.07 -8.49 0.68
N LYS B 239 -24.78 -7.33 0.09
CA LYS B 239 -24.69 -7.24 -1.35
C LYS B 239 -23.61 -8.14 -1.91
N TYR B 240 -22.43 -8.11 -1.30
CA TYR B 240 -21.32 -8.95 -1.76
C TYR B 240 -21.75 -10.41 -1.83
N TYR B 241 -22.29 -10.92 -0.73
CA TYR B 241 -22.73 -12.31 -0.64
C TYR B 241 -23.79 -12.67 -1.67
N GLN B 242 -24.60 -11.70 -2.07
CA GLN B 242 -25.64 -11.97 -3.05
C GLN B 242 -25.04 -12.08 -4.45
N ILE B 243 -23.95 -11.36 -4.69
CA ILE B 243 -23.28 -11.42 -5.99
C ILE B 243 -22.54 -12.74 -6.02
N CYS B 244 -22.04 -13.13 -4.85
CA CYS B 244 -21.28 -14.34 -4.72
C CYS B 244 -22.11 -15.61 -4.87
N GLU B 245 -23.10 -15.77 -4.00
CA GLU B 245 -23.94 -16.96 -4.07
C GLU B 245 -24.51 -17.12 -5.47
N SER B 246 -25.23 -16.10 -5.93
CA SER B 246 -25.80 -16.12 -7.25
C SER B 246 -24.82 -16.78 -8.24
N VAL B 247 -23.61 -16.25 -8.28
CA VAL B 247 -22.59 -16.79 -9.18
C VAL B 247 -22.10 -18.20 -8.84
N LEU B 248 -21.87 -18.48 -7.57
CA LEU B 248 -21.39 -19.81 -7.18
C LEU B 248 -22.46 -20.85 -7.40
N LYS B 249 -23.71 -20.41 -7.31
CA LYS B 249 -24.86 -21.29 -7.51
C LYS B 249 -24.97 -21.59 -9.00
N GLU B 250 -24.88 -20.54 -9.80
CA GLU B 250 -24.97 -20.64 -11.25
C GLU B 250 -23.78 -21.43 -11.80
N VAL B 251 -22.63 -21.31 -11.15
CA VAL B 251 -21.40 -22.00 -11.57
C VAL B 251 -21.34 -23.44 -11.07
N TYR B 252 -22.01 -23.71 -9.96
CA TYR B 252 -22.01 -25.06 -9.40
C TYR B 252 -22.73 -26.03 -10.31
N GLN B 253 -23.83 -25.56 -10.90
CA GLN B 253 -24.65 -26.37 -11.78
C GLN B 253 -23.99 -26.70 -13.11
N ALA B 254 -23.66 -25.66 -13.88
CA ALA B 254 -23.05 -25.82 -15.20
C ALA B 254 -21.79 -26.70 -15.18
N PHE B 255 -20.92 -26.40 -14.23
CA PHE B 255 -19.67 -27.13 -14.05
C PHE B 255 -19.93 -28.10 -12.88
N ASN B 256 -19.33 -29.28 -12.87
CA ASN B 256 -19.58 -30.16 -11.73
C ASN B 256 -18.28 -30.40 -10.98
N PRO B 257 -17.86 -29.40 -10.19
CA PRO B 257 -16.64 -29.43 -9.39
C PRO B 257 -16.51 -30.68 -8.53
N LYS B 258 -15.29 -31.18 -8.44
CA LYS B 258 -15.00 -32.36 -7.64
C LYS B 258 -14.27 -31.90 -6.37
N ALA B 259 -13.48 -30.84 -6.53
CA ALA B 259 -12.71 -30.26 -5.43
C ALA B 259 -12.64 -28.75 -5.62
N VAL B 260 -12.53 -28.03 -4.50
CA VAL B 260 -12.46 -26.58 -4.54
C VAL B 260 -11.21 -26.02 -3.85
N VAL B 261 -10.58 -25.07 -4.52
CA VAL B 261 -9.45 -24.39 -3.91
C VAL B 261 -10.02 -22.98 -3.78
N LEU B 262 -9.99 -22.45 -2.56
CA LEU B 262 -10.55 -21.14 -2.28
C LEU B 262 -9.56 -20.20 -1.61
N GLN B 263 -9.21 -19.11 -2.30
CA GLN B 263 -8.29 -18.14 -1.74
C GLN B 263 -9.16 -17.04 -1.09
N LEU B 264 -8.85 -16.71 0.16
CA LEU B 264 -9.63 -15.74 0.92
C LEU B 264 -8.87 -14.51 1.46
N GLY B 265 -8.06 -13.87 0.61
CA GLY B 265 -7.30 -12.70 1.02
C GLY B 265 -8.22 -11.72 1.75
N ALA B 266 -7.83 -11.34 2.95
CA ALA B 266 -8.61 -10.43 3.78
C ALA B 266 -8.39 -8.95 3.47
N ASP B 267 -7.91 -8.64 2.27
CA ASP B 267 -7.71 -7.23 1.94
C ASP B 267 -8.97 -6.58 1.36
N THR B 268 -10.12 -7.17 1.67
CA THR B 268 -11.43 -6.65 1.25
C THR B 268 -12.15 -6.21 2.51
N ILE B 269 -11.59 -6.58 3.66
CA ILE B 269 -12.17 -6.26 4.96
C ILE B 269 -12.00 -4.78 5.32
N ALA B 270 -13.05 -4.17 5.86
CA ALA B 270 -12.97 -2.77 6.23
C ALA B 270 -11.79 -2.50 7.16
N GLY B 271 -11.08 -1.41 6.91
CA GLY B 271 -9.96 -1.06 7.74
C GLY B 271 -8.62 -1.41 7.14
N ASP B 272 -8.66 -2.03 5.95
CA ASP B 272 -7.42 -2.41 5.26
C ASP B 272 -6.86 -1.16 4.61
N PRO B 273 -5.53 -0.99 4.62
CA PRO B 273 -4.91 0.18 4.00
C PRO B 273 -5.34 0.31 2.54
N MET B 274 -5.69 -0.84 1.96
CA MET B 274 -6.12 -0.88 0.57
C MET B 274 -7.35 0.00 0.43
N CYS B 275 -8.03 0.21 1.55
CA CYS B 275 -9.22 1.04 1.63
C CYS B 275 -10.07 1.04 0.35
N SER B 276 -10.51 -0.14 -0.09
CA SER B 276 -11.34 -0.29 -1.29
C SER B 276 -12.75 -0.81 -1.01
N PHE B 277 -12.86 -2.09 -0.60
CA PHE B 277 -14.16 -2.67 -0.28
C PHE B 277 -14.49 -2.35 1.18
N ASN B 278 -15.69 -2.73 1.65
CA ASN B 278 -16.09 -2.44 3.02
C ASN B 278 -16.76 -3.67 3.65
N MET B 279 -16.10 -4.81 3.50
CA MET B 279 -16.60 -6.08 4.00
C MET B 279 -16.21 -6.35 5.44
N THR B 280 -16.86 -7.34 6.03
CA THR B 280 -16.53 -7.74 7.39
C THR B 280 -16.35 -9.24 7.24
N PRO B 281 -15.52 -9.84 8.09
CA PRO B 281 -15.34 -11.29 7.95
C PRO B 281 -16.65 -12.07 7.94
N VAL B 282 -17.73 -11.43 8.38
CA VAL B 282 -19.04 -12.09 8.41
C VAL B 282 -19.60 -12.29 7.00
N GLY B 283 -19.47 -11.28 6.15
CA GLY B 283 -19.98 -11.41 4.79
C GLY B 283 -19.20 -12.54 4.13
N ILE B 284 -17.87 -12.42 4.15
CA ILE B 284 -17.00 -13.44 3.57
C ILE B 284 -17.37 -14.80 4.16
N GLY B 285 -17.67 -14.81 5.45
CA GLY B 285 -18.05 -16.03 6.12
C GLY B 285 -19.23 -16.70 5.44
N LYS B 286 -20.25 -15.91 5.10
CA LYS B 286 -21.44 -16.47 4.44
C LYS B 286 -21.00 -17.16 3.15
N CYS B 287 -20.03 -16.56 2.47
CA CYS B 287 -19.50 -17.11 1.21
C CYS B 287 -18.81 -18.45 1.45
N LEU B 288 -18.08 -18.55 2.56
CA LEU B 288 -17.38 -19.78 2.89
C LEU B 288 -18.40 -20.87 3.19
N LYS B 289 -19.38 -20.57 4.03
CA LYS B 289 -20.41 -21.54 4.40
C LYS B 289 -21.09 -22.12 3.16
N TYR B 290 -21.39 -21.26 2.20
CA TYR B 290 -22.04 -21.71 0.98
C TYR B 290 -21.13 -22.66 0.21
N ILE B 291 -19.82 -22.42 0.28
CA ILE B 291 -18.90 -23.28 -0.45
C ILE B 291 -18.72 -24.62 0.27
N LEU B 292 -18.64 -24.56 1.60
CA LEU B 292 -18.45 -25.74 2.42
C LEU B 292 -19.65 -26.67 2.41
N GLN B 293 -20.83 -26.12 2.14
CA GLN B 293 -22.04 -26.93 2.12
C GLN B 293 -22.15 -27.75 0.84
N TRP B 294 -21.02 -27.97 0.17
CA TRP B 294 -20.98 -28.78 -1.05
C TRP B 294 -20.32 -30.09 -0.68
N GLN B 295 -19.83 -30.18 0.54
CA GLN B 295 -19.16 -31.38 1.02
C GLN B 295 -18.08 -31.85 0.04
N LEU B 296 -17.44 -30.91 -0.64
CA LEU B 296 -16.38 -31.28 -1.58
C LEU B 296 -15.02 -30.99 -0.97
N ALA B 297 -14.00 -31.72 -1.42
CA ALA B 297 -12.65 -31.48 -0.92
C ALA B 297 -12.32 -30.01 -1.19
N THR B 298 -12.18 -29.23 -0.12
CA THR B 298 -11.87 -27.81 -0.26
C THR B 298 -10.54 -27.42 0.35
N LEU B 299 -9.64 -26.91 -0.49
CA LEU B 299 -8.33 -26.46 -0.04
C LEU B 299 -8.50 -24.97 0.29
N ILE B 300 -8.20 -24.59 1.53
CA ILE B 300 -8.37 -23.21 1.99
C ILE B 300 -7.07 -22.44 2.05
N LEU B 301 -7.06 -21.24 1.47
CA LEU B 301 -5.86 -20.40 1.44
C LEU B 301 -6.13 -18.93 1.78
N GLY B 302 -5.07 -18.22 2.17
CA GLY B 302 -5.20 -16.81 2.49
C GLY B 302 -4.91 -15.97 1.25
N GLY B 303 -4.07 -14.94 1.41
CA GLY B 303 -3.71 -14.08 0.29
C GLY B 303 -3.33 -12.72 0.84
N GLY B 304 -3.98 -11.66 0.34
CA GLY B 304 -3.71 -10.31 0.82
C GLY B 304 -4.32 -10.02 2.18
N GLY B 305 -3.93 -8.90 2.77
CA GLY B 305 -4.43 -8.52 4.09
C GLY B 305 -3.32 -7.68 4.71
N TYR B 306 -3.43 -6.36 4.57
CA TYR B 306 -2.39 -5.46 5.08
C TYR B 306 -2.63 -4.76 6.42
N ASN B 307 -3.73 -5.13 7.07
CA ASN B 307 -4.03 -4.62 8.39
C ASN B 307 -3.92 -5.93 9.13
N LEU B 308 -2.71 -6.19 9.61
CA LEU B 308 -2.42 -7.43 10.30
C LEU B 308 -3.50 -7.88 11.30
N ALA B 309 -3.80 -7.06 12.31
CA ALA B 309 -4.80 -7.46 13.31
C ALA B 309 -6.16 -7.82 12.69
N ASN B 310 -6.66 -6.97 11.80
CA ASN B 310 -7.94 -7.23 11.14
C ASN B 310 -7.88 -8.53 10.31
N THR B 311 -6.71 -8.80 9.73
CA THR B 311 -6.52 -9.98 8.90
C THR B 311 -6.49 -11.21 9.79
N ALA B 312 -5.91 -11.07 10.97
CA ALA B 312 -5.87 -12.18 11.92
C ALA B 312 -7.32 -12.42 12.33
N ARG B 313 -8.00 -11.35 12.73
CA ARG B 313 -9.40 -11.43 13.15
C ARG B 313 -10.21 -12.20 12.15
N CYS B 314 -10.14 -11.77 10.89
CA CYS B 314 -10.89 -12.38 9.81
C CYS B 314 -10.63 -13.87 9.67
N TRP B 315 -9.38 -14.24 9.46
CA TRP B 315 -9.05 -15.65 9.30
C TRP B 315 -9.33 -16.55 10.50
N THR B 316 -9.19 -16.06 11.73
CA THR B 316 -9.49 -16.96 12.84
C THR B 316 -11.01 -17.14 12.87
N TYR B 317 -11.73 -16.05 12.58
CA TYR B 317 -13.18 -16.12 12.53
C TYR B 317 -13.55 -17.16 11.48
N LEU B 318 -13.03 -17.00 10.26
CA LEU B 318 -13.32 -17.94 9.19
C LEU B 318 -13.01 -19.36 9.63
N THR B 319 -11.91 -19.52 10.34
CA THR B 319 -11.51 -20.83 10.87
C THR B 319 -12.65 -21.31 11.77
N GLY B 320 -13.26 -20.36 12.48
CA GLY B 320 -14.37 -20.66 13.37
C GLY B 320 -15.58 -21.08 12.56
N VAL B 321 -15.74 -20.45 11.40
CA VAL B 321 -16.85 -20.78 10.51
C VAL B 321 -16.72 -22.22 10.00
N ILE B 322 -15.47 -22.64 9.75
CA ILE B 322 -15.19 -23.98 9.26
C ILE B 322 -15.43 -25.05 10.35
N LEU B 323 -15.14 -24.70 11.60
CA LEU B 323 -15.32 -25.64 12.72
C LEU B 323 -16.72 -25.59 13.34
N GLY B 324 -17.65 -24.92 12.67
CA GLY B 324 -19.01 -24.84 13.19
C GLY B 324 -19.19 -23.95 14.41
N LYS B 325 -18.15 -23.83 15.23
CA LYS B 325 -18.23 -23.02 16.45
C LYS B 325 -18.28 -21.51 16.25
N THR B 326 -18.94 -20.80 17.16
CA THR B 326 -19.01 -19.34 17.11
C THR B 326 -18.09 -18.80 18.22
N LEU B 327 -17.06 -18.07 17.82
CA LEU B 327 -16.07 -17.53 18.74
C LEU B 327 -16.50 -16.40 19.68
N SER B 328 -15.81 -16.31 20.81
CA SER B 328 -16.08 -15.28 21.78
C SER B 328 -15.89 -13.92 21.12
N SER B 329 -16.74 -12.95 21.45
CA SER B 329 -16.66 -11.63 20.84
C SER B 329 -15.56 -10.73 21.43
N GLU B 330 -14.80 -11.25 22.38
CA GLU B 330 -13.72 -10.47 22.96
C GLU B 330 -12.37 -11.16 22.77
N ILE B 331 -11.40 -10.43 22.21
CA ILE B 331 -10.07 -10.97 21.94
C ILE B 331 -9.41 -11.46 23.22
N PRO B 332 -8.98 -12.73 23.24
CA PRO B 332 -8.33 -13.30 24.43
C PRO B 332 -6.90 -12.81 24.47
N ASP B 333 -6.34 -12.73 25.67
CA ASP B 333 -4.96 -12.29 25.82
C ASP B 333 -3.98 -13.27 25.17
N HIS B 334 -2.99 -12.72 24.47
CA HIS B 334 -1.98 -13.53 23.82
C HIS B 334 -0.83 -12.60 23.42
N GLU B 335 0.16 -13.15 22.74
CA GLU B 335 1.34 -12.39 22.30
C GLU B 335 1.09 -11.00 21.75
N PHE B 336 0.13 -10.89 20.83
CA PHE B 336 -0.18 -9.64 20.16
C PHE B 336 -1.47 -8.97 20.60
N PHE B 337 -1.94 -9.31 21.80
CA PHE B 337 -3.18 -8.74 22.32
C PHE B 337 -3.30 -7.20 22.24
N THR B 338 -2.20 -6.47 22.51
CA THR B 338 -2.22 -5.01 22.48
C THR B 338 -2.32 -4.38 21.09
N ALA B 339 -2.46 -5.20 20.07
CA ALA B 339 -2.57 -4.68 18.71
C ALA B 339 -4.02 -4.68 18.22
N TYR B 340 -4.92 -5.13 19.07
CA TYR B 340 -6.31 -5.19 18.68
C TYR B 340 -7.13 -3.94 18.93
N GLY B 341 -6.95 -2.99 18.01
CA GLY B 341 -7.61 -1.71 18.01
C GLY B 341 -7.79 -1.25 19.42
N PRO B 342 -8.68 -0.30 19.65
CA PRO B 342 -9.01 0.27 20.95
C PRO B 342 -10.14 -0.54 21.55
N ASP B 343 -10.75 -1.34 20.68
CA ASP B 343 -11.89 -2.19 20.97
C ASP B 343 -11.57 -3.55 21.58
N TYR B 344 -10.55 -4.20 21.04
CA TYR B 344 -10.16 -5.52 21.51
C TYR B 344 -11.29 -6.52 21.34
N VAL B 345 -12.02 -6.40 20.24
CA VAL B 345 -13.12 -7.31 19.94
C VAL B 345 -12.91 -7.97 18.58
N LEU B 346 -13.45 -9.17 18.42
CA LEU B 346 -13.32 -9.90 17.16
C LEU B 346 -14.04 -9.26 15.98
N GLU B 347 -15.20 -8.66 16.26
CA GLU B 347 -16.00 -8.01 15.23
C GLU B 347 -15.36 -6.74 14.69
N ILE B 348 -15.53 -6.55 13.39
CA ILE B 348 -15.02 -5.37 12.71
C ILE B 348 -16.25 -4.61 12.23
N THR B 349 -16.27 -3.30 12.40
CA THR B 349 -17.41 -2.52 11.95
C THR B 349 -17.04 -1.76 10.69
N PRO B 350 -17.90 -1.86 9.67
CA PRO B 350 -17.59 -1.14 8.42
C PRO B 350 -17.57 0.36 8.59
N SER B 351 -16.77 1.02 7.76
CA SER B 351 -16.67 2.46 7.79
C SER B 351 -17.93 3.05 7.12
N CYS B 352 -18.07 4.36 7.20
CA CYS B 352 -19.22 5.03 6.61
C CYS B 352 -18.94 5.58 5.23
N ARG B 353 -18.60 4.70 4.31
CA ARG B 353 -18.31 5.08 2.94
C ARG B 353 -19.44 4.67 2.03
N PRO B 354 -19.59 5.37 0.90
CA PRO B 354 -20.66 5.02 -0.02
C PRO B 354 -20.37 3.74 -0.80
N ASP B 355 -21.45 3.00 -1.12
CA ASP B 355 -21.35 1.77 -1.90
C ASP B 355 -21.47 2.19 -3.36
N ARG B 356 -20.33 2.29 -4.05
CA ARG B 356 -20.34 2.71 -5.45
C ARG B 356 -20.74 1.64 -6.47
N ASN B 357 -21.54 0.65 -6.06
CA ASN B 357 -21.94 -0.38 -7.01
C ASN B 357 -23.28 -0.21 -7.73
N GLU B 358 -24.36 0.03 -6.97
CA GLU B 358 -25.73 0.27 -7.52
C GLU B 358 -26.48 -0.82 -8.33
N PRO B 359 -27.25 -1.67 -7.64
CA PRO B 359 -28.06 -2.78 -8.17
C PRO B 359 -28.09 -3.12 -9.68
N HIS B 360 -28.17 -2.12 -10.55
CA HIS B 360 -28.22 -2.39 -12.01
C HIS B 360 -27.00 -3.06 -12.59
N ARG B 361 -25.89 -2.34 -12.65
CA ARG B 361 -24.65 -2.87 -13.20
C ARG B 361 -24.36 -4.28 -12.70
N ILE B 362 -24.55 -4.51 -11.41
CA ILE B 362 -24.31 -5.83 -10.84
C ILE B 362 -25.32 -6.86 -11.35
N GLN B 363 -26.59 -6.46 -11.42
CA GLN B 363 -27.65 -7.33 -11.92
C GLN B 363 -27.26 -7.62 -13.37
N GLN B 364 -26.77 -6.56 -14.03
CA GLN B 364 -26.30 -6.57 -15.41
C GLN B 364 -25.21 -7.63 -15.53
N ILE B 365 -24.16 -7.47 -14.72
CA ILE B 365 -23.03 -8.38 -14.71
C ILE B 365 -23.42 -9.83 -14.41
N LEU B 366 -24.44 -10.00 -13.58
CA LEU B 366 -24.90 -11.35 -13.22
C LEU B 366 -25.53 -12.06 -14.39
N ASN B 367 -26.34 -11.33 -15.15
CA ASN B 367 -26.98 -11.94 -16.31
C ASN B 367 -25.92 -12.22 -17.34
N TYR B 368 -24.97 -11.31 -17.47
CA TYR B 368 -23.87 -11.46 -18.41
C TYR B 368 -23.16 -12.79 -18.14
N ILE B 369 -22.82 -13.04 -16.87
CA ILE B 369 -22.13 -14.27 -16.51
C ILE B 369 -23.10 -15.44 -16.66
N LYS B 370 -24.33 -15.22 -16.22
CA LYS B 370 -25.40 -16.21 -16.30
C LYS B 370 -25.47 -16.78 -17.72
N GLY B 371 -25.27 -15.91 -18.71
CA GLY B 371 -25.30 -16.34 -20.09
C GLY B 371 -24.17 -17.32 -20.36
N ASN B 372 -22.96 -16.89 -20.04
CA ASN B 372 -21.76 -17.71 -20.22
C ASN B 372 -21.88 -19.01 -19.44
N LEU B 373 -22.79 -19.89 -19.87
CA LEU B 373 -23.00 -21.17 -19.21
C LEU B 373 -23.04 -22.30 -20.23
N LYS B 374 -22.11 -23.23 -20.08
CA LYS B 374 -21.99 -24.38 -20.98
C LYS B 374 -21.29 -25.55 -20.28
N HIS B 375 -21.23 -26.64 -20.88
#